data_5V6T
#
_entry.id   5V6T
#
_cell.length_a   99.777
_cell.length_b   99.777
_cell.length_c   531.940
_cell.angle_alpha   90.00
_cell.angle_beta   90.00
_cell.angle_gamma   120.00
#
_symmetry.space_group_name_H-M   'P 61 2 2'
#
loop_
_entity.id
_entity.type
_entity.pdbx_description
1 polymer Plexin-D1
2 polymer 'PDZ domain-containing protein GIPC1'
3 non-polymer 'SULFATE ION'
4 water water
#
loop_
_entity_poly.entity_id
_entity_poly.type
_entity_poly.pdbx_seq_one_letter_code
_entity_poly.pdbx_strand_id
1 'polypeptide(L)'
;ELNRSQGIPFLEYKHFVTRTFFPKCSSLYEERYVLPSKTLNSQGGSPPQETHPLLGEWNIPEHCRPSMEEGISLFSSLLN
NKHFLIVFVHALEQQKDFAVRDRCSLASLLTIALHGKLEYYTSIMKELLVDLIDASAAKNPKLMLRRTESVVEKMLTNWM
SICMYGCLRETVGEPFFLLLCAIKQQINKGSIDAITGKARYTLNEEWLLRENIEAKPRNLNVSFQGCGMDSLSVRAMDTD
TLTQVKEKILEAFCKNVPYSQWPRAEDVDLEWFASSTQSYVLRDLDDTSVVEDGRKKLNTLAHYKIPEGASLAMSLTDKK
DSTLGRVKDLDTEKYFHLVLPTDELVEPKKSHRQSHRKKVLPEIYLTRLLSTKGTLQKFLDDLFKAILSIREDKPPLAVK
YFFDFLEEQAEKRGISDPDTLHIWKTNSLPLRFWVNILKNPQFVFDIEKTDHIDACLSVIAQAFIDACSISDLQLGKDSP
TNKLLYAKEIPEYRKTVQRYYKQIQDMTPLSEQEMNAHLAEESRKYQNEFNTNVAMAEIYKYAKRYRPQIMAALEANPTA
RRTQLQHKFEQVVALMENNIYECYSEA
;
A
2 'polypeptide(L)'
;GPHMAALRPRLVFHTQLAHGSPTGRIEGFTNVKELYGKIAEAFRLPAAEVMFCTLNTHKVDMDKLLGGQIGLEDFIFAHV
KGQRKEVEVFKSEEALGLTITDNGAGYAFIKRIKEGSVIDHIQLISVGDMIEAINGQSLLGCRHYEVARLLKELPRGRTF
TLKLTEPRKAFDMISQRSAGGHPGSGPQLGTGRGTLRLRSRGPATVEDLPSAFEEKAIEKVDDLLESYMGIRDTELAATM
VELGKDKRNPDELAEALDERLGDFAFPDEFVFDVWGAIGDAKVGRY
;
B
#
loop_
_chem_comp.id
_chem_comp.type
_chem_comp.name
_chem_comp.formula
SO4 non-polymer 'SULFATE ION' 'O4 S -2'
#
# COMPACT_ATOMS: atom_id res chain seq x y z
N GLY A 7 -13.09 -1.96 25.19
CA GLY A 7 -11.69 -1.66 24.95
C GLY A 7 -11.06 -2.47 23.82
N ILE A 8 -11.78 -2.58 22.71
CA ILE A 8 -11.30 -3.29 21.52
C ILE A 8 -10.07 -2.62 20.90
N PRO A 9 -8.99 -3.40 20.66
CA PRO A 9 -7.76 -2.82 20.12
C PRO A 9 -7.84 -2.48 18.63
N PHE A 10 -8.73 -1.56 18.29
CA PHE A 10 -8.83 -1.04 16.93
C PHE A 10 -7.53 -0.37 16.51
N LEU A 11 -7.18 -0.47 15.23
CA LEU A 11 -6.13 0.36 14.67
C LEU A 11 -6.69 1.74 14.41
N GLU A 12 -5.83 2.76 14.49
CA GLU A 12 -6.24 4.09 14.12
C GLU A 12 -6.33 4.14 12.59
N TYR A 13 -7.27 4.94 12.10
CA TYR A 13 -7.64 4.98 10.69
C TYR A 13 -6.48 5.01 9.70
N LYS A 14 -5.41 5.73 10.04
CA LYS A 14 -4.31 5.85 9.10
C LYS A 14 -3.58 4.52 8.92
N HIS A 15 -3.57 3.67 9.95
CA HIS A 15 -2.92 2.37 9.82
C HIS A 15 -3.83 1.37 9.13
N PHE A 16 -5.12 1.42 9.46
CA PHE A 16 -6.11 0.66 8.72
C PHE A 16 -5.99 0.89 7.22
N VAL A 17 -5.99 2.18 6.84
CA VAL A 17 -5.82 2.58 5.44
C VAL A 17 -4.53 2.03 4.86
N THR A 18 -3.42 2.34 5.54
CA THR A 18 -2.10 1.88 5.15
C THR A 18 -2.06 0.36 4.88
N ARG A 19 -2.63 -0.42 5.80
CA ARG A 19 -2.53 -1.86 5.73
C ARG A 19 -3.43 -2.51 4.68
N THR A 20 -4.56 -1.86 4.35
CA THR A 20 -5.47 -2.42 3.35
C THR A 20 -5.21 -1.86 1.94
N PHE A 21 -4.56 -0.70 1.85
CA PHE A 21 -4.29 -0.08 0.56
C PHE A 21 -3.07 -0.71 -0.13
N PHE A 22 -2.18 -1.29 0.67
CA PHE A 22 -0.91 -1.82 0.15
C PHE A 22 -0.59 -3.23 0.66
N PRO A 23 0.11 -4.04 -0.15
CA PRO A 23 0.63 -5.33 0.32
C PRO A 23 1.81 -5.14 1.29
N THR A 51 4.04 1.02 4.88
CA THR A 51 3.88 2.34 4.30
C THR A 51 4.11 3.44 5.33
N HIS A 52 5.19 3.29 6.09
CA HIS A 52 5.70 4.36 6.95
C HIS A 52 5.90 5.69 6.19
N PRO A 53 6.39 5.66 4.92
CA PRO A 53 6.60 6.94 4.22
C PRO A 53 5.36 7.82 4.07
N LEU A 54 4.17 7.21 4.06
CA LEU A 54 2.94 7.94 3.78
C LEU A 54 2.27 8.48 5.04
N LEU A 55 2.97 8.48 6.17
CA LEU A 55 2.40 8.98 7.42
C LEU A 55 3.29 10.03 8.10
N GLY A 56 4.54 10.12 7.66
CA GLY A 56 5.51 11.05 8.23
C GLY A 56 5.91 12.18 7.31
N GLU A 57 7.18 12.59 7.37
CA GLU A 57 7.70 13.72 6.60
C GLU A 57 8.31 13.30 5.25
N TRP A 58 8.74 14.27 4.46
CA TRP A 58 9.22 14.03 3.11
C TRP A 58 10.75 13.89 3.04
N ASN A 59 11.23 12.97 2.20
CA ASN A 59 12.65 12.61 2.16
C ASN A 59 13.45 13.36 1.09
N ILE A 60 12.86 14.39 0.50
CA ILE A 60 13.54 15.20 -0.51
C ILE A 60 14.56 16.13 0.15
N PRO A 61 15.84 15.97 -0.20
CA PRO A 61 16.93 16.77 0.38
C PRO A 61 16.73 18.28 0.16
N GLU A 62 17.38 19.10 0.99
CA GLU A 62 17.26 20.55 0.90
C GLU A 62 18.00 21.07 -0.33
N HIS A 63 18.80 20.19 -0.94
CA HIS A 63 19.46 20.47 -2.20
C HIS A 63 18.45 20.87 -3.28
N CYS A 64 17.46 20.02 -3.50
CA CYS A 64 16.46 20.25 -4.55
C CYS A 64 15.08 20.55 -3.99
N ARG A 65 15.00 20.86 -2.70
CA ARG A 65 13.73 21.10 -2.03
C ARG A 65 12.90 22.28 -2.60
N PRO A 66 13.53 23.44 -2.87
CA PRO A 66 12.68 24.49 -3.46
C PRO A 66 12.20 24.10 -4.85
N SER A 67 13.06 23.38 -5.57
CA SER A 67 12.77 22.90 -6.91
C SER A 67 11.53 21.98 -6.92
N MET A 68 11.61 20.86 -6.19
CA MET A 68 10.54 19.88 -6.14
C MET A 68 9.28 20.37 -5.43
N GLU A 69 9.45 21.35 -4.55
CA GLU A 69 8.31 21.94 -3.85
C GLU A 69 7.28 22.44 -4.85
N GLU A 70 7.73 23.27 -5.78
CA GLU A 70 6.84 23.86 -6.78
C GLU A 70 6.46 22.81 -7.81
N GLY A 71 7.31 21.80 -7.97
CA GLY A 71 7.03 20.72 -8.91
C GLY A 71 5.79 19.95 -8.50
N ILE A 72 5.79 19.49 -7.25
CA ILE A 72 4.68 18.71 -6.69
C ILE A 72 3.41 19.54 -6.60
N SER A 73 3.56 20.78 -6.17
CA SER A 73 2.46 21.74 -6.13
C SER A 73 1.76 21.82 -7.49
N LEU A 74 2.54 22.01 -8.55
CA LEU A 74 2.01 22.07 -9.91
C LEU A 74 1.42 20.73 -10.35
N PHE A 75 2.04 19.65 -9.88
CA PHE A 75 1.57 18.32 -10.24
C PHE A 75 0.24 17.99 -9.54
N SER A 76 0.05 18.53 -8.34
CA SER A 76 -1.21 18.34 -7.64
C SER A 76 -2.35 19.02 -8.38
N SER A 77 -2.07 20.19 -8.94
CA SER A 77 -3.04 20.93 -9.72
C SER A 77 -3.44 20.11 -10.93
N LEU A 78 -2.47 19.44 -11.53
CA LEU A 78 -2.70 18.56 -12.68
C LEU A 78 -3.54 17.35 -12.33
N LEU A 79 -3.22 16.73 -11.19
CA LEU A 79 -3.92 15.53 -10.76
C LEU A 79 -5.38 15.83 -10.43
N ASN A 80 -5.63 17.06 -10.00
CA ASN A 80 -6.98 17.48 -9.66
C ASN A 80 -7.74 18.02 -10.87
N ASN A 81 -7.02 18.18 -11.98
CA ASN A 81 -7.64 18.49 -13.27
C ASN A 81 -8.15 17.20 -13.90
N LYS A 82 -9.46 17.00 -13.90
CA LYS A 82 -10.01 15.73 -14.37
C LYS A 82 -9.64 15.42 -15.82
N HIS A 83 -9.50 16.46 -16.64
CA HIS A 83 -9.20 16.27 -18.05
C HIS A 83 -7.77 15.75 -18.24
N PHE A 84 -6.96 15.87 -17.18
CA PHE A 84 -5.62 15.30 -17.18
C PHE A 84 -5.64 13.89 -16.61
N LEU A 85 -6.13 13.77 -15.38
CA LEU A 85 -6.05 12.52 -14.62
C LEU A 85 -6.67 11.34 -15.37
N ILE A 86 -7.79 11.57 -16.05
CA ILE A 86 -8.45 10.50 -16.78
C ILE A 86 -7.60 10.03 -17.97
N VAL A 87 -7.02 10.97 -18.72
CA VAL A 87 -6.14 10.60 -19.82
C VAL A 87 -4.90 9.90 -19.27
N PHE A 88 -4.38 10.47 -18.19
CA PHE A 88 -3.19 9.97 -17.52
C PHE A 88 -3.32 8.51 -17.11
N VAL A 89 -4.51 8.11 -16.67
CA VAL A 89 -4.77 6.74 -16.24
C VAL A 89 -4.99 5.81 -17.43
N HIS A 90 -5.77 6.28 -18.40
CA HIS A 90 -6.02 5.51 -19.61
C HIS A 90 -4.70 5.24 -20.35
N ALA A 91 -3.89 6.28 -20.50
CA ALA A 91 -2.61 6.18 -21.19
C ALA A 91 -1.70 5.16 -20.52
N LEU A 92 -1.60 5.22 -19.20
CA LEU A 92 -0.77 4.28 -18.45
C LEU A 92 -1.29 2.86 -18.56
N GLU A 93 -2.60 2.69 -18.73
CA GLU A 93 -3.18 1.35 -18.75
C GLU A 93 -3.08 0.67 -20.11
N GLN A 94 -2.62 1.40 -21.13
CA GLN A 94 -2.44 0.83 -22.45
C GLN A 94 -1.01 0.33 -22.68
N GLN A 95 -0.13 0.57 -21.70
CA GLN A 95 1.25 0.09 -21.78
C GLN A 95 1.34 -1.32 -21.21
N LYS A 96 1.85 -2.25 -22.00
CA LYS A 96 1.90 -3.66 -21.60
C LYS A 96 2.77 -3.90 -20.37
N ASP A 97 3.83 -3.11 -20.21
CA ASP A 97 4.76 -3.29 -19.09
C ASP A 97 4.31 -2.52 -17.86
N PHE A 98 3.10 -1.97 -17.91
CA PHE A 98 2.46 -1.41 -16.74
C PHE A 98 1.64 -2.51 -16.06
N ALA A 99 2.32 -3.29 -15.23
CA ALA A 99 1.79 -4.54 -14.70
C ALA A 99 0.58 -4.32 -13.82
N VAL A 100 -0.07 -5.41 -13.44
CA VAL A 100 -1.21 -5.33 -12.53
C VAL A 100 -0.75 -4.77 -11.18
N ARG A 101 0.39 -5.27 -10.69
CA ARG A 101 0.98 -4.80 -9.44
C ARG A 101 1.12 -3.27 -9.44
N ASP A 102 1.52 -2.72 -10.59
CA ASP A 102 1.67 -1.27 -10.76
C ASP A 102 0.34 -0.55 -10.76
N ARG A 103 -0.64 -1.12 -11.47
CA ARG A 103 -1.96 -0.51 -11.59
C ARG A 103 -2.61 -0.33 -10.22
N CYS A 104 -2.46 -1.32 -9.36
CA CYS A 104 -3.01 -1.25 -8.02
C CYS A 104 -2.25 -0.24 -7.16
N SER A 105 -0.97 -0.05 -7.45
CA SER A 105 -0.17 0.93 -6.72
C SER A 105 -0.61 2.36 -7.03
N LEU A 106 -0.82 2.63 -8.31
CA LEU A 106 -1.31 3.94 -8.73
C LEU A 106 -2.64 4.23 -8.05
N ALA A 107 -3.54 3.26 -8.08
CA ALA A 107 -4.85 3.41 -7.46
C ALA A 107 -4.75 3.81 -5.99
N SER A 108 -3.96 3.07 -5.22
CA SER A 108 -3.81 3.39 -3.80
C SER A 108 -3.06 4.70 -3.59
N LEU A 109 -2.07 4.97 -4.44
CA LEU A 109 -1.36 6.23 -4.39
C LEU A 109 -2.29 7.38 -4.65
N LEU A 110 -3.21 7.18 -5.60
CA LEU A 110 -4.22 8.18 -5.94
C LEU A 110 -5.18 8.43 -4.78
N THR A 111 -5.70 7.35 -4.21
CA THR A 111 -6.62 7.44 -3.09
C THR A 111 -6.02 8.25 -1.93
N ILE A 112 -4.72 8.11 -1.75
CA ILE A 112 -4.05 8.84 -0.69
C ILE A 112 -3.78 10.28 -1.12
N ALA A 113 -3.32 10.46 -2.35
CA ALA A 113 -3.05 11.79 -2.89
C ALA A 113 -4.28 12.68 -2.87
N LEU A 114 -5.44 12.07 -3.09
CA LEU A 114 -6.70 12.79 -3.21
C LEU A 114 -7.62 12.56 -2.03
N HIS A 115 -7.11 12.04 -0.93
CA HIS A 115 -7.98 11.68 0.19
C HIS A 115 -8.62 12.90 0.84
N GLY A 116 -8.14 14.08 0.50
CA GLY A 116 -8.70 15.31 1.04
C GLY A 116 -9.75 15.85 0.10
N LYS A 117 -9.91 15.18 -1.03
CA LYS A 117 -10.85 15.60 -2.06
C LYS A 117 -11.66 14.39 -2.55
N LEU A 118 -12.32 13.71 -1.62
CA LEU A 118 -13.02 12.46 -1.92
C LEU A 118 -14.22 12.64 -2.84
N GLU A 119 -14.81 13.84 -2.82
CA GLU A 119 -15.85 14.18 -3.78
C GLU A 119 -15.28 14.04 -5.19
N TYR A 120 -14.19 14.76 -5.47
CA TYR A 120 -13.49 14.67 -6.74
C TYR A 120 -13.03 13.25 -7.07
N TYR A 121 -12.45 12.58 -6.07
CA TYR A 121 -11.96 11.21 -6.22
C TYR A 121 -13.06 10.26 -6.65
N THR A 122 -14.24 10.41 -6.05
CA THR A 122 -15.39 9.57 -6.39
C THR A 122 -15.86 9.87 -7.81
N SER A 123 -15.81 11.15 -8.17
CA SER A 123 -16.14 11.62 -9.49
C SER A 123 -15.27 10.93 -10.55
N ILE A 124 -13.98 10.82 -10.25
CA ILE A 124 -13.04 10.14 -11.14
C ILE A 124 -13.32 8.64 -11.22
N MET A 125 -13.58 8.03 -10.06
CA MET A 125 -13.83 6.59 -10.01
C MET A 125 -15.08 6.21 -10.79
N LYS A 126 -16.13 7.02 -10.68
CA LYS A 126 -17.36 6.78 -11.42
C LYS A 126 -17.10 6.88 -12.93
N GLU A 127 -16.40 7.94 -13.35
CA GLU A 127 -16.04 8.11 -14.75
C GLU A 127 -15.24 6.90 -15.28
N LEU A 128 -14.22 6.46 -14.53
CA LEU A 128 -13.39 5.34 -14.95
C LEU A 128 -14.14 4.01 -14.89
N LEU A 129 -15.17 3.93 -14.05
CA LEU A 129 -15.98 2.72 -13.94
C LEU A 129 -16.90 2.58 -15.15
N VAL A 130 -17.43 3.70 -15.61
CA VAL A 130 -18.23 3.73 -16.83
C VAL A 130 -17.37 3.28 -18.00
N ASP A 131 -16.15 3.79 -18.08
CA ASP A 131 -15.21 3.42 -19.13
C ASP A 131 -14.92 1.91 -19.08
N LEU A 132 -14.87 1.37 -17.87
CA LEU A 132 -14.58 -0.05 -17.68
C LEU A 132 -15.76 -0.91 -18.07
N ILE A 133 -16.96 -0.38 -17.87
CA ILE A 133 -18.19 -1.09 -18.25
C ILE A 133 -18.37 -1.04 -19.77
N ASP A 134 -18.05 0.11 -20.35
CA ASP A 134 -18.16 0.30 -21.79
C ASP A 134 -17.18 -0.61 -22.53
N ALA A 135 -16.01 -0.82 -21.95
CA ALA A 135 -15.01 -1.70 -22.54
C ALA A 135 -15.44 -3.17 -22.48
N SER A 136 -16.17 -3.51 -21.42
CA SER A 136 -16.62 -4.88 -21.21
C SER A 136 -18.06 -5.06 -21.66
N ALA A 137 -18.46 -4.30 -22.68
CA ALA A 137 -19.81 -4.39 -23.23
C ALA A 137 -19.94 -5.60 -24.13
N ALA A 138 -18.80 -6.11 -24.59
CA ALA A 138 -18.76 -7.32 -25.40
C ALA A 138 -18.87 -8.56 -24.53
N LYS A 139 -18.15 -8.56 -23.40
CA LYS A 139 -18.11 -9.71 -22.51
C LYS A 139 -19.42 -9.94 -21.76
N ASN A 140 -19.52 -11.09 -21.11
CA ASN A 140 -20.67 -11.42 -20.28
C ASN A 140 -20.76 -10.49 -19.09
N PRO A 141 -21.93 -9.84 -18.92
CA PRO A 141 -22.21 -8.92 -17.80
C PRO A 141 -21.88 -9.51 -16.41
N LYS A 142 -22.10 -10.81 -16.21
CA LYS A 142 -21.87 -11.44 -14.91
C LYS A 142 -20.39 -11.53 -14.53
N LEU A 143 -19.50 -11.02 -15.39
CA LEU A 143 -18.07 -11.08 -15.17
C LEU A 143 -17.47 -9.77 -14.66
N MET A 144 -18.31 -8.73 -14.55
CA MET A 144 -17.87 -7.42 -14.10
C MET A 144 -17.30 -7.47 -12.68
N LEU A 145 -16.21 -6.74 -12.46
CA LEU A 145 -15.62 -6.56 -11.12
C LEU A 145 -15.30 -7.87 -10.39
N ARG A 146 -15.05 -8.93 -11.15
CA ARG A 146 -14.79 -10.24 -10.55
C ARG A 146 -13.40 -10.28 -9.90
N ARG A 147 -12.45 -9.55 -10.51
CA ARG A 147 -11.10 -9.47 -9.97
C ARG A 147 -10.67 -8.02 -9.87
N THR A 148 -9.47 -7.77 -9.38
CA THR A 148 -8.94 -6.42 -9.26
C THR A 148 -7.68 -6.26 -10.12
N GLU A 149 -7.88 -6.04 -11.42
CA GLU A 149 -6.77 -6.02 -12.37
C GLU A 149 -6.73 -4.74 -13.17
N SER A 150 -7.47 -3.73 -12.71
CA SER A 150 -7.45 -2.42 -13.33
C SER A 150 -7.38 -1.35 -12.25
N VAL A 151 -6.94 -0.15 -12.63
CA VAL A 151 -6.78 0.93 -11.68
C VAL A 151 -8.10 1.25 -10.96
N VAL A 152 -9.19 1.30 -11.73
CA VAL A 152 -10.48 1.67 -11.14
C VAL A 152 -10.98 0.63 -10.17
N GLU A 153 -10.66 -0.65 -10.42
CA GLU A 153 -11.15 -1.73 -9.57
C GLU A 153 -10.50 -1.65 -8.19
N LYS A 154 -9.21 -1.34 -8.16
CA LYS A 154 -8.53 -1.17 -6.88
C LYS A 154 -9.06 0.08 -6.20
N MET A 155 -9.21 1.15 -6.99
CA MET A 155 -9.80 2.41 -6.49
C MET A 155 -11.11 2.12 -5.77
N LEU A 156 -11.93 1.28 -6.39
CA LEU A 156 -13.23 0.92 -5.86
C LEU A 156 -13.07 0.23 -4.51
N THR A 157 -12.07 -0.64 -4.41
CA THR A 157 -11.85 -1.36 -3.17
C THR A 157 -11.44 -0.40 -2.06
N ASN A 158 -10.57 0.54 -2.40
CA ASN A 158 -10.13 1.55 -1.46
C ASN A 158 -11.27 2.47 -1.05
N TRP A 159 -12.12 2.80 -2.02
CA TRP A 159 -13.32 3.58 -1.75
C TRP A 159 -14.18 2.87 -0.71
N MET A 160 -14.43 1.59 -0.95
CA MET A 160 -15.19 0.77 -0.02
C MET A 160 -14.53 0.71 1.35
N SER A 161 -13.21 0.57 1.38
CA SER A 161 -12.46 0.58 2.64
C SER A 161 -12.73 1.84 3.44
N ILE A 162 -12.57 2.99 2.79
CA ILE A 162 -12.82 4.29 3.43
C ILE A 162 -14.24 4.40 3.98
N CYS A 163 -15.22 4.07 3.16
CA CYS A 163 -16.61 4.26 3.53
C CYS A 163 -17.10 3.24 4.55
N MET A 164 -16.47 2.07 4.61
CA MET A 164 -16.89 1.03 5.54
C MET A 164 -16.16 1.08 6.88
N TYR A 165 -15.10 1.89 6.98
CA TYR A 165 -14.34 1.93 8.22
C TYR A 165 -15.22 2.37 9.39
N GLY A 166 -16.17 3.26 9.12
CA GLY A 166 -17.09 3.68 10.15
C GLY A 166 -17.93 2.53 10.66
N CYS A 167 -18.39 1.70 9.73
CA CYS A 167 -19.18 0.51 10.07
C CYS A 167 -18.40 -0.38 11.04
N LEU A 168 -17.12 -0.57 10.74
CA LEU A 168 -16.23 -1.34 11.61
C LEU A 168 -16.18 -0.74 13.01
N ARG A 169 -15.91 0.55 13.08
CA ARG A 169 -15.72 1.20 14.36
C ARG A 169 -16.99 1.20 15.23
N GLU A 170 -18.15 1.26 14.58
CA GLU A 170 -19.41 1.45 15.28
C GLU A 170 -20.32 0.22 15.38
N THR A 171 -20.09 -0.78 14.54
CA THR A 171 -21.05 -1.88 14.47
C THR A 171 -20.42 -3.26 14.27
N VAL A 172 -19.56 -3.39 13.28
CA VAL A 172 -19.08 -4.71 12.87
C VAL A 172 -17.86 -5.14 13.66
N GLY A 173 -17.07 -4.16 14.08
CA GLY A 173 -15.80 -4.44 14.73
C GLY A 173 -15.91 -5.28 15.98
N GLU A 174 -16.88 -4.95 16.85
CA GLU A 174 -17.00 -5.66 18.12
C GLU A 174 -17.39 -7.14 17.92
N PRO A 175 -18.47 -7.43 17.17
CA PRO A 175 -18.73 -8.86 16.96
C PRO A 175 -17.60 -9.59 16.24
N PHE A 176 -16.92 -8.92 15.31
CA PHE A 176 -15.77 -9.51 14.64
C PHE A 176 -14.71 -9.86 15.67
N PHE A 177 -14.46 -8.94 16.59
CA PHE A 177 -13.40 -9.13 17.58
C PHE A 177 -13.75 -10.21 18.58
N LEU A 178 -14.98 -10.17 19.09
CA LEU A 178 -15.43 -11.20 20.03
C LEU A 178 -15.31 -12.60 19.42
N LEU A 179 -15.62 -12.71 18.13
CA LEU A 179 -15.47 -13.96 17.41
C LEU A 179 -14.03 -14.43 17.44
N LEU A 180 -13.11 -13.53 17.13
CA LEU A 180 -11.68 -13.84 17.13
C LEU A 180 -11.23 -14.33 18.50
N CYS A 181 -11.70 -13.66 19.54
CA CYS A 181 -11.42 -14.11 20.90
C CYS A 181 -12.03 -15.48 21.16
N ALA A 182 -13.27 -15.65 20.72
CA ALA A 182 -13.98 -16.91 20.90
C ALA A 182 -13.26 -18.05 20.22
N ILE A 183 -12.70 -17.80 19.04
CA ILE A 183 -11.91 -18.81 18.35
C ILE A 183 -10.65 -19.15 19.12
N LYS A 184 -9.93 -18.12 19.56
CA LYS A 184 -8.67 -18.30 20.25
C LYS A 184 -8.87 -19.10 21.54
N GLN A 185 -9.88 -18.72 22.30
CA GLN A 185 -10.19 -19.37 23.56
C GLN A 185 -10.55 -20.84 23.32
N GLN A 186 -11.29 -21.06 22.25
CA GLN A 186 -11.83 -22.38 21.91
C GLN A 186 -10.75 -23.38 21.48
N ILE A 187 -9.86 -22.94 20.60
CA ILE A 187 -8.78 -23.79 20.14
C ILE A 187 -7.84 -24.15 21.28
N ASN A 188 -7.72 -23.24 22.25
CA ASN A 188 -6.78 -23.42 23.36
C ASN A 188 -7.26 -24.37 24.45
N LYS A 189 -8.52 -24.80 24.35
CA LYS A 189 -9.06 -25.82 25.25
C LYS A 189 -8.51 -27.20 24.91
N GLY A 190 -7.68 -27.27 23.86
CA GLY A 190 -7.09 -28.53 23.42
C GLY A 190 -5.62 -28.38 23.08
N SER A 191 -4.95 -29.50 22.86
CA SER A 191 -3.53 -29.50 22.50
C SER A 191 -3.33 -28.80 21.17
N ILE A 192 -2.18 -28.15 21.00
CA ILE A 192 -1.78 -27.59 19.72
C ILE A 192 -0.34 -27.96 19.45
N ASP A 193 -0.06 -28.50 18.26
CA ASP A 193 1.31 -28.80 17.89
C ASP A 193 2.04 -27.51 17.53
N ALA A 194 3.18 -27.29 18.17
CA ALA A 194 3.94 -26.05 18.01
C ALA A 194 4.56 -25.92 16.62
N ILE A 195 5.03 -27.05 16.08
CA ILE A 195 5.66 -27.08 14.76
C ILE A 195 4.66 -26.92 13.60
N THR A 196 3.64 -27.78 13.55
CA THR A 196 2.73 -27.84 12.40
C THR A 196 1.47 -27.00 12.58
N GLY A 197 1.17 -26.59 13.80
CA GLY A 197 0.04 -25.73 14.05
C GLY A 197 -1.28 -26.48 14.15
N LYS A 198 -1.23 -27.79 13.94
CA LYS A 198 -2.42 -28.63 14.04
C LYS A 198 -2.91 -28.67 15.48
N ALA A 199 -4.22 -28.46 15.68
CA ALA A 199 -4.79 -28.51 17.02
C ALA A 199 -5.90 -29.56 17.14
N ARG A 200 -6.21 -29.95 18.36
CA ARG A 200 -7.34 -30.84 18.61
C ARG A 200 -8.63 -30.26 18.07
N TYR A 201 -8.88 -29.00 18.39
CA TYR A 201 -10.09 -28.31 17.96
C TYR A 201 -9.81 -27.32 16.84
N THR A 202 -10.68 -27.28 15.84
CA THR A 202 -10.56 -26.34 14.73
C THR A 202 -11.82 -26.37 13.87
N LEU A 203 -11.98 -25.38 13.00
CA LEU A 203 -13.05 -25.38 12.00
C LEU A 203 -12.56 -26.01 10.69
N ASN A 204 -11.25 -26.11 10.57
CA ASN A 204 -10.60 -26.54 9.34
C ASN A 204 -10.09 -27.98 9.45
N GLU A 205 -10.65 -28.89 8.65
CA GLU A 205 -10.30 -30.31 8.79
C GLU A 205 -8.85 -30.60 8.41
N GLU A 206 -8.23 -29.70 7.67
CA GLU A 206 -6.83 -29.87 7.27
C GLU A 206 -5.90 -29.49 8.41
N TRP A 207 -6.47 -28.97 9.48
CA TRP A 207 -5.67 -28.52 10.62
C TRP A 207 -5.96 -29.33 11.89
N LEU A 208 -6.66 -30.44 11.72
CA LEU A 208 -6.94 -31.34 12.83
C LEU A 208 -5.70 -32.09 13.27
N LEU A 209 -5.32 -31.89 14.54
CA LEU A 209 -4.33 -32.73 15.19
C LEU A 209 -4.89 -34.14 15.29
N ARG A 210 -4.35 -35.05 14.47
CA ARG A 210 -4.90 -36.39 14.37
C ARG A 210 -4.08 -37.40 15.17
N GLU A 211 -3.52 -36.94 16.27
CA GLU A 211 -2.96 -37.87 17.24
C GLU A 211 -3.93 -37.85 18.40
N ASN A 212 -4.15 -39.01 19.03
CA ASN A 212 -5.06 -39.01 20.18
C ASN A 212 -4.24 -38.82 21.44
N ILE A 213 -4.03 -37.54 21.73
CA ILE A 213 -3.15 -37.08 22.78
C ILE A 213 -3.92 -36.83 24.07
N GLU A 214 -3.52 -37.53 25.13
CA GLU A 214 -4.07 -37.28 26.45
C GLU A 214 -3.66 -35.90 26.95
N ALA A 215 -4.55 -34.95 26.76
CA ALA A 215 -4.30 -33.59 27.21
C ALA A 215 -4.81 -33.41 28.64
N LYS A 216 -3.92 -33.04 29.56
CA LYS A 216 -4.32 -32.77 30.95
C LYS A 216 -4.22 -31.28 31.26
N PRO A 217 -5.36 -30.64 31.53
CA PRO A 217 -5.32 -29.21 31.86
C PRO A 217 -4.56 -28.95 33.17
N ARG A 218 -3.94 -27.78 33.26
CA ARG A 218 -3.15 -27.41 34.42
C ARG A 218 -3.44 -25.98 34.81
N ASN A 219 -3.60 -25.74 36.10
CA ASN A 219 -3.74 -24.38 36.59
C ASN A 219 -2.44 -23.93 37.22
N LEU A 220 -1.75 -23.01 36.55
CA LEU A 220 -0.48 -22.52 37.04
C LEU A 220 -0.68 -21.21 37.80
N ASN A 221 0.18 -20.96 38.79
CA ASN A 221 0.16 -19.69 39.51
C ASN A 221 1.38 -18.86 39.15
N VAL A 222 1.20 -17.97 38.18
CA VAL A 222 2.34 -17.25 37.59
C VAL A 222 2.45 -15.82 38.10
N SER A 223 3.68 -15.37 38.27
CA SER A 223 3.96 -13.99 38.64
C SER A 223 4.81 -13.31 37.57
N PHE A 224 4.75 -11.98 37.52
CA PHE A 224 5.58 -11.20 36.62
C PHE A 224 6.45 -10.25 37.43
N GLN A 225 7.45 -9.65 36.80
CA GLN A 225 8.32 -8.70 37.49
C GLN A 225 7.58 -7.40 37.80
N GLY A 226 6.85 -7.39 38.91
CA GLY A 226 6.11 -6.22 39.36
C GLY A 226 5.04 -5.74 38.39
N CYS A 227 4.75 -6.54 37.37
CA CYS A 227 3.78 -6.15 36.35
C CYS A 227 2.38 -6.66 36.67
N GLY A 228 1.39 -5.80 36.48
CA GLY A 228 -0.01 -6.15 36.67
C GLY A 228 -0.34 -6.58 38.08
N MET A 229 -1.02 -7.71 38.19
CA MET A 229 -1.37 -8.30 39.48
C MET A 229 -0.21 -9.17 39.98
N ASP A 230 -0.20 -9.47 41.28
CA ASP A 230 0.93 -10.18 41.87
C ASP A 230 1.04 -11.65 41.47
N SER A 231 -0.08 -12.34 41.35
CA SER A 231 -0.09 -13.73 40.88
C SER A 231 -1.39 -14.02 40.13
N LEU A 232 -1.27 -14.71 39.01
CA LEU A 232 -2.42 -15.03 38.17
C LEU A 232 -2.61 -16.54 38.03
N SER A 233 -3.83 -16.97 37.80
CA SER A 233 -4.09 -18.38 37.56
C SER A 233 -4.22 -18.63 36.07
N VAL A 234 -3.11 -19.01 35.44
CA VAL A 234 -3.09 -19.24 34.01
C VAL A 234 -3.37 -20.72 33.68
N ARG A 235 -4.28 -20.94 32.75
CA ARG A 235 -4.63 -22.30 32.34
C ARG A 235 -3.81 -22.75 31.14
N ALA A 236 -3.21 -23.94 31.26
CA ALA A 236 -2.36 -24.46 30.21
C ALA A 236 -2.60 -25.95 30.06
N MET A 237 -2.08 -26.53 28.99
CA MET A 237 -2.24 -27.96 28.77
C MET A 237 -0.94 -28.68 29.11
N ASP A 238 -1.10 -29.87 29.68
CA ASP A 238 -0.05 -30.88 29.81
C ASP A 238 0.98 -30.84 28.68
N THR A 239 0.44 -30.74 27.47
CA THR A 239 1.18 -30.95 26.23
C THR A 239 1.82 -29.70 25.65
N ASP A 240 1.58 -28.54 26.27
CA ASP A 240 2.11 -27.28 25.76
C ASP A 240 3.62 -27.19 25.89
N THR A 241 4.30 -26.83 24.79
CA THR A 241 5.70 -26.43 24.89
C THR A 241 5.75 -25.17 25.71
N LEU A 242 6.93 -24.81 26.17
CA LEU A 242 7.03 -23.70 27.10
C LEU A 242 6.88 -22.36 26.40
N THR A 243 7.18 -22.35 25.12
CA THR A 243 6.88 -21.17 24.32
C THR A 243 5.38 -20.97 24.36
N GLN A 244 4.64 -22.05 24.15
CA GLN A 244 3.17 -22.03 24.23
C GLN A 244 2.66 -21.60 25.60
N VAL A 245 3.26 -22.15 26.66
CA VAL A 245 2.92 -21.74 28.03
C VAL A 245 3.23 -20.27 28.25
N LYS A 246 4.37 -19.82 27.73
CA LYS A 246 4.79 -18.43 27.84
C LYS A 246 3.81 -17.49 27.12
N GLU A 247 3.29 -17.94 25.98
CA GLU A 247 2.32 -17.14 25.23
C GLU A 247 1.02 -17.04 26.02
N LYS A 248 0.60 -18.14 26.64
CA LYS A 248 -0.62 -18.16 27.44
C LYS A 248 -0.53 -17.24 28.66
N ILE A 249 0.66 -17.17 29.26
CA ILE A 249 0.91 -16.30 30.40
C ILE A 249 0.97 -14.83 29.97
N LEU A 250 1.49 -14.60 28.76
CA LEU A 250 1.56 -13.25 28.21
C LEU A 250 0.17 -12.71 27.89
N GLU A 251 -0.74 -13.60 27.47
CA GLU A 251 -2.12 -13.20 27.25
C GLU A 251 -2.78 -12.85 28.57
N ALA A 252 -2.55 -13.68 29.58
CA ALA A 252 -3.18 -13.50 30.87
C ALA A 252 -2.74 -12.21 31.54
N PHE A 253 -1.52 -11.74 31.26
CA PHE A 253 -1.02 -10.52 31.90
C PHE A 253 -1.21 -9.26 31.07
N CYS A 254 -1.63 -9.42 29.81
CA CYS A 254 -1.76 -8.28 28.89
C CYS A 254 -3.10 -8.18 28.19
N LYS A 255 -4.20 -8.39 28.91
CA LYS A 255 -5.52 -8.36 28.29
C LYS A 255 -5.88 -6.97 27.75
N ASN A 256 -5.67 -5.95 28.58
CA ASN A 256 -6.05 -4.57 28.25
C ASN A 256 -4.96 -3.79 27.51
N VAL A 257 -4.22 -4.47 26.63
CA VAL A 257 -3.09 -3.86 25.93
C VAL A 257 -3.03 -4.37 24.49
N PRO A 258 -2.71 -3.49 23.53
CA PRO A 258 -2.51 -3.90 22.13
C PRO A 258 -1.32 -4.84 21.96
N TYR A 259 -1.44 -5.80 21.05
CA TYR A 259 -0.42 -6.83 20.85
C TYR A 259 0.94 -6.26 20.49
N SER A 260 0.95 -5.13 19.78
CA SER A 260 2.20 -4.55 19.32
C SER A 260 3.08 -4.06 20.47
N GLN A 261 2.55 -4.09 21.68
CA GLN A 261 3.27 -3.61 22.85
C GLN A 261 3.64 -4.74 23.81
N TRP A 262 3.09 -5.93 23.55
CA TRP A 262 3.43 -7.13 24.32
C TRP A 262 4.91 -7.46 24.21
N PRO A 263 5.48 -8.02 25.27
CA PRO A 263 6.78 -8.70 25.12
C PRO A 263 6.61 -9.93 24.21
N ARG A 264 7.59 -10.19 23.35
CA ARG A 264 7.56 -11.41 22.54
C ARG A 264 7.83 -12.61 23.46
N ALA A 265 7.31 -13.79 23.10
CA ALA A 265 7.47 -14.97 23.94
C ALA A 265 8.94 -15.34 24.13
N GLU A 266 9.77 -14.97 23.16
CA GLU A 266 11.20 -15.25 23.25
C GLU A 266 11.95 -14.12 23.92
N ASP A 267 11.22 -13.14 24.45
CA ASP A 267 11.83 -12.05 25.20
C ASP A 267 11.61 -12.24 26.70
N VAL A 268 11.03 -13.38 27.08
CA VAL A 268 10.75 -13.67 28.49
C VAL A 268 11.26 -15.03 28.94
N ASP A 269 11.76 -15.09 30.17
CA ASP A 269 12.18 -16.34 30.81
C ASP A 269 11.10 -16.86 31.74
N LEU A 270 11.17 -18.14 32.09
CA LEU A 270 10.17 -18.75 32.97
C LEU A 270 10.79 -19.67 34.02
N GLU A 271 10.68 -19.30 35.30
CA GLU A 271 11.19 -20.13 36.39
C GLU A 271 10.09 -20.92 37.06
N TRP A 272 10.43 -22.12 37.55
CA TRP A 272 9.48 -22.93 38.28
C TRP A 272 9.94 -23.14 39.71
N PHE A 273 9.20 -22.57 40.67
CA PHE A 273 9.47 -22.81 42.08
C PHE A 273 9.00 -24.21 42.46
N ALA A 274 9.90 -25.18 42.32
CA ALA A 274 9.60 -26.57 42.63
C ALA A 274 9.49 -26.76 44.14
N SER A 275 10.13 -25.86 44.87
CA SER A 275 10.08 -25.88 46.33
C SER A 275 10.56 -24.55 46.87
N SER A 276 10.87 -24.51 48.16
CA SER A 276 11.43 -23.31 48.77
C SER A 276 12.95 -23.32 48.68
N THR A 277 13.51 -24.48 48.34
CA THR A 277 14.95 -24.63 48.25
C THR A 277 15.45 -24.53 46.81
N GLN A 278 14.57 -24.81 45.85
CA GLN A 278 14.97 -24.87 44.45
C GLN A 278 13.96 -24.26 43.48
N SER A 279 14.47 -23.73 42.38
CA SER A 279 13.66 -23.33 41.26
C SER A 279 14.46 -23.57 39.98
N TYR A 280 13.77 -23.80 38.87
CA TYR A 280 14.45 -24.14 37.62
C TYR A 280 13.91 -23.34 36.43
N VAL A 281 14.81 -22.99 35.52
CA VAL A 281 14.41 -22.33 34.30
C VAL A 281 13.86 -23.35 33.32
N LEU A 282 12.70 -23.06 32.74
CA LEU A 282 12.07 -23.97 31.81
C LEU A 282 12.14 -23.45 30.37
N ARG A 283 12.60 -24.31 29.47
CA ARG A 283 12.83 -23.96 28.07
C ARG A 283 12.21 -25.02 27.16
N ASP A 284 12.02 -24.69 25.90
CA ASP A 284 11.58 -25.69 24.92
C ASP A 284 12.70 -26.70 24.67
N LEU A 285 13.94 -26.25 24.81
CA LEU A 285 15.09 -27.09 24.50
C LEU A 285 16.24 -26.83 25.45
N ASP A 286 16.70 -27.88 26.13
CA ASP A 286 17.91 -27.81 26.93
C ASP A 286 18.55 -29.18 27.09
N ASP A 287 19.36 -29.34 28.14
CA ASP A 287 20.15 -30.55 28.34
C ASP A 287 19.30 -31.75 28.78
N THR A 288 17.99 -31.56 28.85
CA THR A 288 17.11 -32.61 29.31
C THR A 288 16.16 -33.07 28.20
N SER A 289 16.26 -32.41 27.05
CA SER A 289 15.40 -32.72 25.91
C SER A 289 15.69 -34.10 25.34
N VAL A 290 14.62 -34.82 24.99
CA VAL A 290 14.73 -36.19 24.52
C VAL A 290 14.93 -36.25 23.01
N VAL A 291 15.60 -37.30 22.55
CA VAL A 291 15.73 -37.56 21.13
C VAL A 291 15.03 -38.88 20.77
N GLU A 292 14.16 -38.82 19.77
CA GLU A 292 13.49 -40.01 19.27
C GLU A 292 13.64 -40.13 17.76
N ASP A 293 14.38 -41.14 17.33
CA ASP A 293 14.61 -41.43 15.92
C ASP A 293 15.26 -40.25 15.18
N GLY A 294 16.28 -39.67 15.80
CA GLY A 294 17.06 -38.61 15.17
C GLY A 294 16.61 -37.20 15.50
N ARG A 295 15.35 -37.04 15.91
CA ARG A 295 14.80 -35.71 16.16
C ARG A 295 14.69 -35.39 17.65
N LYS A 296 14.84 -34.11 17.98
CA LYS A 296 14.72 -33.67 19.37
C LYS A 296 13.28 -33.27 19.67
N LYS A 297 12.76 -33.76 20.79
CA LYS A 297 11.40 -33.46 21.21
C LYS A 297 11.36 -32.19 22.06
N LEU A 298 10.61 -31.20 21.59
CA LEU A 298 10.40 -29.95 22.34
C LEU A 298 9.83 -30.21 23.72
N ASN A 299 10.39 -29.53 24.72
CA ASN A 299 9.97 -29.72 26.10
C ASN A 299 8.58 -29.19 26.35
N THR A 300 7.80 -29.96 27.10
CA THR A 300 6.44 -29.58 27.44
C THR A 300 6.31 -29.59 28.95
N LEU A 301 5.20 -29.04 29.46
CA LEU A 301 4.95 -29.06 30.89
C LEU A 301 5.00 -30.50 31.43
N ALA A 302 4.45 -31.41 30.63
CA ALA A 302 4.44 -32.82 31.01
C ALA A 302 5.87 -33.35 31.13
N HIS A 303 6.75 -32.89 30.26
CA HIS A 303 8.14 -33.34 30.24
C HIS A 303 8.86 -33.03 31.53
N TYR A 304 8.66 -31.82 32.05
CA TYR A 304 9.28 -31.38 33.29
C TYR A 304 8.55 -31.91 34.52
N LYS A 305 7.45 -32.63 34.27
CA LYS A 305 6.59 -33.13 35.34
C LYS A 305 6.11 -31.97 36.21
N ILE A 306 5.69 -30.90 35.55
CA ILE A 306 5.11 -29.74 36.22
C ILE A 306 3.76 -30.12 36.82
N PRO A 307 3.64 -30.06 38.16
CA PRO A 307 2.44 -30.49 38.90
C PRO A 307 1.30 -29.50 38.77
N GLU A 308 0.08 -29.96 39.06
CA GLU A 308 -1.08 -29.07 39.09
C GLU A 308 -0.91 -28.05 40.22
N GLY A 309 -1.08 -26.78 39.88
CA GLY A 309 -0.96 -25.71 40.85
C GLY A 309 0.41 -25.07 40.91
N ALA A 310 1.35 -25.61 40.14
CA ALA A 310 2.74 -25.15 40.15
C ALA A 310 2.88 -23.64 40.02
N SER A 311 3.73 -23.07 40.89
CA SER A 311 4.00 -21.64 40.85
C SER A 311 5.19 -21.35 39.94
N LEU A 312 4.95 -20.48 38.96
CA LEU A 312 6.01 -20.05 38.05
C LEU A 312 6.28 -18.55 38.19
N ALA A 313 7.41 -18.11 37.68
CA ALA A 313 7.73 -16.70 37.62
C ALA A 313 8.22 -16.33 36.22
N MET A 314 7.58 -15.34 35.62
CA MET A 314 7.99 -14.85 34.30
C MET A 314 8.71 -13.52 34.42
N SER A 315 9.78 -13.36 33.64
CA SER A 315 10.59 -12.15 33.67
C SER A 315 11.05 -11.77 32.27
N LEU A 316 11.51 -10.54 32.11
CA LEU A 316 12.12 -10.11 30.86
C LEU A 316 13.57 -10.57 30.84
N THR A 317 14.10 -10.87 29.65
CA THR A 317 15.47 -11.39 29.59
C THR A 317 16.36 -10.58 28.65
N LEU A 330 10.78 -24.05 12.43
CA LEU A 330 11.85 -24.98 12.80
C LEU A 330 11.99 -26.12 11.78
N ASP A 331 13.20 -26.65 11.66
CA ASP A 331 13.51 -27.70 10.69
C ASP A 331 12.78 -29.01 11.01
N THR A 332 11.70 -29.27 10.30
CA THR A 332 10.80 -30.40 10.59
C THR A 332 11.51 -31.75 10.57
N GLU A 333 12.63 -31.83 9.88
CA GLU A 333 13.39 -33.07 9.83
C GLU A 333 14.28 -33.21 11.06
N LYS A 334 14.31 -32.17 11.90
CA LYS A 334 15.20 -32.13 13.06
C LYS A 334 14.46 -32.10 14.40
N TYR A 335 13.27 -31.49 14.43
CA TYR A 335 12.51 -31.39 15.68
C TYR A 335 11.06 -31.85 15.51
N PHE A 336 10.40 -32.10 16.63
CA PHE A 336 8.97 -32.39 16.63
C PHE A 336 8.34 -32.09 17.99
N HIS A 337 7.00 -32.06 18.03
CA HIS A 337 6.30 -31.76 19.28
C HIS A 337 5.30 -32.87 19.63
N LEU A 338 4.17 -32.89 18.94
CA LEU A 338 3.13 -33.87 19.24
C LEU A 338 2.96 -34.87 18.11
N VAL A 339 3.15 -34.41 16.89
CA VAL A 339 3.03 -35.25 15.70
C VAL A 339 4.33 -36.02 15.46
N LEU A 340 4.43 -37.21 16.04
CA LEU A 340 5.65 -38.01 15.96
C LEU A 340 5.83 -38.66 14.58
N PRO A 341 6.27 -37.88 13.60
CA PRO A 341 6.47 -38.37 12.24
C PRO A 341 7.55 -37.58 11.52
N LYS A 359 -10.39 -42.26 3.97
CA LYS A 359 -11.31 -41.66 3.01
C LYS A 359 -12.29 -40.71 3.72
N VAL A 360 -13.11 -41.27 4.60
CA VAL A 360 -14.09 -40.49 5.36
C VAL A 360 -13.57 -40.18 6.76
N LEU A 361 -13.80 -38.96 7.23
CA LEU A 361 -13.37 -38.53 8.56
C LEU A 361 -13.95 -39.40 9.67
N PRO A 362 -13.08 -39.97 10.52
CA PRO A 362 -13.56 -40.72 11.69
C PRO A 362 -14.43 -39.83 12.57
N GLU A 363 -15.40 -40.43 13.26
CA GLU A 363 -16.45 -39.65 13.90
C GLU A 363 -15.93 -38.61 14.88
N ILE A 364 -14.85 -38.89 15.59
CA ILE A 364 -14.44 -37.98 16.64
C ILE A 364 -13.81 -36.71 16.04
N TYR A 365 -13.30 -36.81 14.81
CA TYR A 365 -12.72 -35.63 14.17
C TYR A 365 -13.84 -34.76 13.63
N LEU A 366 -14.88 -35.41 13.11
CA LEU A 366 -16.09 -34.69 12.73
C LEU A 366 -16.70 -34.02 13.97
N THR A 367 -16.72 -34.75 15.09
CA THR A 367 -17.28 -34.25 16.33
C THR A 367 -16.58 -32.97 16.77
N ARG A 368 -15.26 -32.96 16.66
CA ARG A 368 -14.48 -31.81 17.08
C ARG A 368 -14.67 -30.62 16.15
N LEU A 369 -14.86 -30.88 14.86
CA LEU A 369 -15.19 -29.80 13.94
C LEU A 369 -16.54 -29.20 14.33
N LEU A 370 -17.48 -30.06 14.72
CA LEU A 370 -18.81 -29.61 15.12
C LEU A 370 -18.78 -28.84 16.42
N SER A 371 -17.99 -29.31 17.38
CA SER A 371 -17.99 -28.73 18.70
C SER A 371 -17.44 -27.33 18.68
N THR A 372 -16.46 -27.07 17.82
CA THR A 372 -15.91 -25.73 17.72
C THR A 372 -16.81 -24.87 16.83
N LYS A 373 -17.45 -25.49 15.85
CA LYS A 373 -18.46 -24.79 15.07
C LYS A 373 -19.55 -24.32 16.01
N GLY A 374 -19.95 -25.23 16.90
CA GLY A 374 -21.02 -24.99 17.83
C GLY A 374 -20.72 -23.84 18.76
N THR A 375 -19.53 -23.86 19.35
CA THR A 375 -19.08 -22.80 20.25
C THR A 375 -19.14 -21.43 19.61
N LEU A 376 -18.67 -21.34 18.37
CA LEU A 376 -18.54 -20.06 17.68
C LEU A 376 -19.82 -19.58 17.01
N GLN A 377 -20.85 -20.43 16.97
CA GLN A 377 -22.00 -20.14 16.11
C GLN A 377 -22.75 -18.85 16.42
N LYS A 378 -22.99 -18.57 17.70
CA LYS A 378 -23.67 -17.31 18.03
C LYS A 378 -22.78 -16.11 17.70
N PHE A 379 -21.48 -16.24 17.99
CA PHE A 379 -20.54 -15.19 17.64
C PHE A 379 -20.54 -14.95 16.13
N LEU A 380 -20.64 -16.03 15.36
CA LEU A 380 -20.55 -15.95 13.91
C LEU A 380 -21.80 -15.35 13.30
N ASP A 381 -22.96 -15.76 13.80
CA ASP A 381 -24.22 -15.19 13.35
C ASP A 381 -24.23 -13.69 13.60
N ASP A 382 -23.83 -13.31 14.81
CA ASP A 382 -23.77 -11.90 15.19
C ASP A 382 -22.93 -11.08 14.21
N LEU A 383 -21.80 -11.64 13.79
CA LEU A 383 -20.92 -10.97 12.85
C LEU A 383 -21.57 -10.84 11.47
N PHE A 384 -22.07 -11.95 10.93
CA PHE A 384 -22.69 -11.95 9.61
C PHE A 384 -23.94 -11.05 9.58
N LYS A 385 -24.63 -10.97 10.71
CA LYS A 385 -25.79 -10.11 10.81
C LYS A 385 -25.34 -8.66 10.77
N ALA A 386 -24.27 -8.34 11.51
CA ALA A 386 -23.74 -6.98 11.53
C ALA A 386 -23.32 -6.51 10.13
N ILE A 387 -22.70 -7.42 9.40
CA ILE A 387 -22.17 -7.12 8.07
C ILE A 387 -23.28 -7.00 7.02
N LEU A 388 -24.33 -7.78 7.18
CA LEU A 388 -25.40 -7.85 6.18
C LEU A 388 -26.74 -7.31 6.72
N SER A 389 -26.68 -6.17 7.40
CA SER A 389 -27.91 -5.55 7.87
C SER A 389 -27.76 -4.04 8.01
N ILE A 390 -28.90 -3.35 7.94
CA ILE A 390 -28.93 -1.91 8.00
C ILE A 390 -29.26 -1.39 9.40
N ARG A 391 -28.31 -0.71 10.03
CA ARG A 391 -28.60 -0.08 11.30
C ARG A 391 -29.52 1.10 11.00
N GLU A 392 -30.74 1.06 11.54
CA GLU A 392 -31.74 2.09 11.28
C GLU A 392 -31.32 3.45 11.83
N ASP A 393 -30.54 3.42 12.91
CA ASP A 393 -29.86 4.60 13.42
C ASP A 393 -29.18 5.38 12.29
N LYS A 394 -28.11 4.79 11.75
CA LYS A 394 -27.44 5.34 10.58
C LYS A 394 -27.21 4.28 9.50
N PRO A 395 -28.05 4.31 8.44
CA PRO A 395 -27.98 3.46 7.26
C PRO A 395 -26.67 3.65 6.49
N PRO A 396 -26.33 2.70 5.60
CA PRO A 396 -25.07 2.76 4.84
C PRO A 396 -25.16 3.67 3.63
N LEU A 397 -25.00 4.97 3.84
CA LEU A 397 -25.16 5.97 2.77
C LEU A 397 -24.28 5.67 1.56
N ALA A 398 -23.02 5.35 1.80
CA ALA A 398 -22.09 5.11 0.71
C ALA A 398 -22.44 3.84 -0.05
N VAL A 399 -23.04 2.88 0.63
CA VAL A 399 -23.40 1.62 -0.02
C VAL A 399 -24.64 1.82 -0.87
N LYS A 400 -25.63 2.50 -0.31
CA LYS A 400 -26.82 2.91 -1.05
C LYS A 400 -26.41 3.72 -2.29
N TYR A 401 -25.52 4.67 -2.08
CA TYR A 401 -25.05 5.54 -3.16
C TYR A 401 -24.42 4.76 -4.30
N PHE A 402 -23.61 3.76 -3.97
CA PHE A 402 -22.93 3.03 -5.02
C PHE A 402 -23.81 1.97 -5.66
N PHE A 403 -24.60 1.28 -4.86
CA PHE A 403 -25.49 0.27 -5.39
C PHE A 403 -26.46 0.87 -6.39
N ASP A 404 -26.93 2.07 -6.09
CA ASP A 404 -27.81 2.80 -6.99
C ASP A 404 -27.08 3.15 -8.28
N PHE A 405 -25.81 3.50 -8.17
CA PHE A 405 -24.96 3.75 -9.33
C PHE A 405 -24.83 2.50 -10.20
N LEU A 406 -24.80 1.34 -9.54
CA LEU A 406 -24.76 0.07 -10.26
C LEU A 406 -26.04 -0.16 -11.04
N GLU A 407 -27.18 -0.07 -10.36
CA GLU A 407 -28.49 -0.21 -10.99
C GLU A 407 -28.65 0.79 -12.13
N GLU A 408 -28.23 2.04 -11.89
CA GLU A 408 -28.32 3.09 -12.90
C GLU A 408 -27.58 2.70 -14.17
N GLN A 409 -26.32 2.26 -14.03
CA GLN A 409 -25.50 1.86 -15.18
C GLN A 409 -26.04 0.60 -15.84
N ALA A 410 -26.66 -0.27 -15.04
CA ALA A 410 -27.27 -1.49 -15.57
C ALA A 410 -28.43 -1.16 -16.50
N GLU A 411 -29.30 -0.25 -16.08
CA GLU A 411 -30.47 0.13 -16.88
C GLU A 411 -30.06 0.82 -18.17
N LYS A 412 -29.03 1.67 -18.10
CA LYS A 412 -28.56 2.40 -19.28
C LYS A 412 -28.14 1.47 -20.41
N ARG A 413 -27.96 0.19 -20.09
CA ARG A 413 -27.54 -0.80 -21.06
C ARG A 413 -28.55 -1.95 -21.18
N GLY A 414 -29.73 -1.75 -20.64
CA GLY A 414 -30.78 -2.76 -20.70
C GLY A 414 -30.42 -4.06 -20.01
N ILE A 415 -29.50 -3.98 -19.05
CA ILE A 415 -29.16 -5.14 -18.23
C ILE A 415 -30.08 -5.17 -17.03
N SER A 416 -31.13 -5.99 -17.11
CA SER A 416 -32.17 -5.97 -16.09
C SER A 416 -32.19 -7.27 -15.29
N ASP A 417 -31.39 -8.24 -15.73
CA ASP A 417 -31.36 -9.56 -15.09
C ASP A 417 -31.01 -9.43 -13.60
N PRO A 418 -31.99 -9.74 -12.73
CA PRO A 418 -31.84 -9.58 -11.27
C PRO A 418 -30.57 -10.26 -10.74
N ASP A 419 -30.24 -11.39 -11.34
CA ASP A 419 -29.08 -12.17 -10.94
C ASP A 419 -27.77 -11.51 -11.37
N THR A 420 -27.78 -10.82 -12.50
CA THR A 420 -26.60 -10.07 -12.93
C THR A 420 -26.34 -8.90 -11.99
N LEU A 421 -27.41 -8.22 -11.59
CA LEU A 421 -27.30 -7.09 -10.67
C LEU A 421 -26.84 -7.52 -9.29
N HIS A 422 -27.31 -8.69 -8.87
CA HIS A 422 -26.87 -9.29 -7.61
C HIS A 422 -25.37 -9.51 -7.63
N ILE A 423 -24.88 -10.04 -8.73
CA ILE A 423 -23.46 -10.30 -8.93
C ILE A 423 -22.64 -9.00 -8.91
N TRP A 424 -23.15 -7.96 -9.56
CA TRP A 424 -22.45 -6.67 -9.56
C TRP A 424 -22.32 -6.12 -8.15
N LYS A 425 -23.38 -6.20 -7.36
CA LYS A 425 -23.34 -5.69 -5.99
C LYS A 425 -22.41 -6.55 -5.14
N THR A 426 -22.56 -7.86 -5.24
CA THR A 426 -21.70 -8.81 -4.54
C THR A 426 -20.22 -8.56 -4.87
N ASN A 427 -19.93 -8.34 -6.14
CA ASN A 427 -18.56 -8.10 -6.61
C ASN A 427 -18.04 -6.72 -6.25
N SER A 428 -18.87 -5.90 -5.61
CA SER A 428 -18.52 -4.52 -5.33
C SER A 428 -18.22 -4.26 -3.85
N LEU A 429 -18.82 -5.07 -2.98
CA LEU A 429 -18.71 -4.81 -1.55
C LEU A 429 -18.41 -6.06 -0.72
N PRO A 430 -19.32 -7.07 -0.70
CA PRO A 430 -18.99 -8.25 0.13
C PRO A 430 -17.68 -8.95 -0.26
N LEU A 431 -17.43 -9.11 -1.56
CA LEU A 431 -16.22 -9.81 -1.98
C LEU A 431 -15.00 -8.88 -2.01
N ARG A 432 -15.20 -7.63 -2.42
CA ARG A 432 -14.11 -6.65 -2.48
C ARG A 432 -13.52 -6.38 -1.12
N PHE A 433 -14.41 -6.14 -0.18
CA PHE A 433 -14.00 -5.65 1.12
C PHE A 433 -14.08 -6.72 2.20
N TRP A 434 -15.29 -7.21 2.44
CA TRP A 434 -15.55 -8.01 3.63
C TRP A 434 -14.79 -9.32 3.70
N VAL A 435 -14.62 -10.00 2.57
CA VAL A 435 -13.94 -11.29 2.60
C VAL A 435 -12.47 -11.11 3.00
N ASN A 436 -11.84 -10.05 2.50
CA ASN A 436 -10.45 -9.77 2.86
C ASN A 436 -10.30 -9.30 4.31
N ILE A 437 -11.36 -8.70 4.85
CA ILE A 437 -11.34 -8.29 6.25
C ILE A 437 -11.44 -9.50 7.17
N LEU A 438 -12.34 -10.42 6.83
CA LEU A 438 -12.48 -11.66 7.60
C LEU A 438 -11.19 -12.46 7.59
N LYS A 439 -10.55 -12.56 6.43
CA LYS A 439 -9.29 -13.29 6.30
C LYS A 439 -8.11 -12.53 6.93
N ASN A 440 -8.23 -11.21 7.05
CA ASN A 440 -7.15 -10.40 7.60
C ASN A 440 -7.60 -9.47 8.72
N PRO A 441 -7.89 -10.03 9.89
CA PRO A 441 -8.30 -9.16 11.01
C PRO A 441 -7.16 -8.26 11.47
N GLN A 442 -5.94 -8.56 11.04
CA GLN A 442 -4.79 -7.73 11.39
C GLN A 442 -4.86 -6.36 10.68
N PHE A 443 -5.73 -6.24 9.67
CA PHE A 443 -5.97 -4.97 9.01
C PHE A 443 -6.77 -4.02 9.89
N VAL A 444 -7.61 -4.58 10.75
CA VAL A 444 -8.54 -3.77 11.51
C VAL A 444 -8.04 -3.59 12.94
N PHE A 445 -7.53 -4.66 13.53
CA PHE A 445 -7.10 -4.62 14.93
C PHE A 445 -5.61 -4.75 15.12
N ASP A 446 -5.16 -4.29 16.28
CA ASP A 446 -3.82 -4.58 16.76
C ASP A 446 -3.82 -5.95 17.44
N ILE A 447 -3.73 -7.02 16.64
CA ILE A 447 -3.76 -8.38 17.19
C ILE A 447 -2.74 -9.28 16.51
N GLU A 448 -2.42 -10.39 17.16
CA GLU A 448 -1.47 -11.36 16.64
C GLU A 448 -2.05 -12.10 15.44
N LYS A 449 -1.23 -12.32 14.43
CA LYS A 449 -1.67 -13.12 13.29
C LYS A 449 -1.03 -14.50 13.38
N THR A 450 -1.86 -15.51 13.59
CA THR A 450 -1.36 -16.88 13.72
C THR A 450 -1.86 -17.72 12.55
N ASP A 451 -1.04 -18.68 12.12
CA ASP A 451 -1.35 -19.49 10.94
C ASP A 451 -2.63 -20.29 11.06
N HIS A 452 -2.93 -20.76 12.28
CA HIS A 452 -4.07 -21.61 12.45
C HIS A 452 -5.37 -20.83 12.45
N ILE A 453 -5.44 -19.78 13.27
CA ILE A 453 -6.65 -18.96 13.31
C ILE A 453 -6.98 -18.42 11.92
N ASP A 454 -5.96 -18.14 11.13
CA ASP A 454 -6.18 -17.71 9.76
C ASP A 454 -6.86 -18.82 8.96
N ALA A 455 -6.52 -20.07 9.28
CA ALA A 455 -7.11 -21.22 8.60
C ALA A 455 -8.56 -21.46 9.01
N CYS A 456 -8.90 -21.07 10.25
CA CYS A 456 -10.28 -21.09 10.68
C CYS A 456 -11.08 -19.99 9.99
N LEU A 457 -10.51 -18.79 9.94
CA LEU A 457 -11.14 -17.66 9.27
C LEU A 457 -11.29 -17.92 7.78
N SER A 458 -10.47 -18.83 7.26
CA SER A 458 -10.57 -19.21 5.87
C SER A 458 -11.88 -19.94 5.61
N VAL A 459 -12.22 -20.87 6.52
CA VAL A 459 -13.49 -21.59 6.46
C VAL A 459 -14.67 -20.64 6.56
N ILE A 460 -14.58 -19.68 7.47
CA ILE A 460 -15.64 -18.71 7.71
C ILE A 460 -15.82 -17.79 6.50
N ALA A 461 -14.71 -17.26 6.01
CA ALA A 461 -14.71 -16.43 4.81
C ALA A 461 -15.34 -17.17 3.63
N GLN A 462 -15.06 -18.46 3.53
CA GLN A 462 -15.63 -19.27 2.47
C GLN A 462 -17.15 -19.36 2.61
N ALA A 463 -17.63 -19.46 3.84
CA ALA A 463 -19.06 -19.53 4.12
C ALA A 463 -19.73 -18.22 3.72
N PHE A 464 -19.03 -17.12 3.98
CA PHE A 464 -19.50 -15.79 3.63
C PHE A 464 -19.62 -15.70 2.12
N ILE A 465 -18.54 -16.08 1.42
CA ILE A 465 -18.52 -16.11 -0.05
C ILE A 465 -19.68 -16.92 -0.62
N ASP A 466 -19.94 -18.08 -0.01
CA ASP A 466 -21.02 -18.95 -0.46
C ASP A 466 -22.41 -18.35 -0.25
N ALA A 467 -22.54 -17.47 0.74
CA ALA A 467 -23.83 -16.84 1.03
C ALA A 467 -24.17 -15.78 0.00
N CYS A 468 -23.13 -15.25 -0.65
CA CYS A 468 -23.31 -14.18 -1.62
C CYS A 468 -23.42 -14.75 -3.02
N SER A 469 -23.32 -16.08 -3.11
CA SER A 469 -23.40 -16.76 -4.39
C SER A 469 -24.85 -17.01 -4.78
N ILE A 470 -25.03 -17.62 -5.96
CA ILE A 470 -26.33 -18.11 -6.39
C ILE A 470 -26.16 -19.49 -7.05
N SER A 471 -26.57 -20.55 -6.35
CA SER A 471 -26.41 -21.93 -6.84
C SER A 471 -27.31 -22.91 -6.10
N THR A 481 -16.74 -31.23 -0.18
CA THR A 481 -16.02 -32.00 0.82
C THR A 481 -15.72 -31.15 2.05
N ASN A 482 -14.91 -30.11 1.86
CA ASN A 482 -14.57 -29.22 2.97
C ASN A 482 -15.67 -28.19 3.20
N LYS A 483 -16.63 -28.14 2.27
CA LYS A 483 -17.71 -27.15 2.34
C LYS A 483 -18.97 -27.70 3.01
N LEU A 484 -18.86 -28.89 3.61
CA LEU A 484 -20.00 -29.52 4.25
C LEU A 484 -20.23 -29.07 5.69
N LEU A 485 -19.27 -28.34 6.25
CA LEU A 485 -19.35 -27.97 7.66
C LEU A 485 -20.39 -26.90 7.91
N TYR A 486 -20.39 -25.86 7.08
CA TYR A 486 -21.36 -24.79 7.26
C TYR A 486 -22.50 -24.91 6.26
N ALA A 487 -22.63 -26.10 5.67
CA ALA A 487 -23.57 -26.36 4.58
C ALA A 487 -25.02 -26.02 4.93
N LYS A 488 -25.42 -26.36 6.15
CA LYS A 488 -26.80 -26.17 6.55
C LYS A 488 -27.11 -24.74 7.03
N GLU A 489 -26.09 -23.90 7.14
CA GLU A 489 -26.30 -22.50 7.52
C GLU A 489 -26.32 -21.56 6.31
N ILE A 490 -25.78 -22.02 5.18
CA ILE A 490 -25.65 -21.20 3.98
C ILE A 490 -26.99 -20.76 3.37
N PRO A 491 -28.03 -21.62 3.39
CA PRO A 491 -29.30 -21.12 2.83
C PRO A 491 -29.85 -19.91 3.58
N GLU A 492 -29.84 -19.97 4.91
CA GLU A 492 -30.32 -18.87 5.75
C GLU A 492 -29.47 -17.62 5.57
N TYR A 493 -28.18 -17.80 5.33
CA TYR A 493 -27.29 -16.67 5.08
C TYR A 493 -27.61 -16.01 3.74
N ARG A 494 -27.93 -16.82 2.73
CA ARG A 494 -28.31 -16.29 1.43
C ARG A 494 -29.55 -15.43 1.54
N LYS A 495 -30.51 -15.90 2.31
CA LYS A 495 -31.73 -15.14 2.55
C LYS A 495 -31.36 -13.80 3.17
N THR A 496 -30.45 -13.83 4.14
CA THR A 496 -29.99 -12.62 4.82
C THR A 496 -29.36 -11.63 3.82
N VAL A 497 -28.45 -12.13 2.98
CA VAL A 497 -27.80 -11.31 1.96
C VAL A 497 -28.80 -10.69 0.99
N GLN A 498 -29.71 -11.50 0.48
CA GLN A 498 -30.73 -11.02 -0.44
C GLN A 498 -31.63 -10.00 0.24
N ARG A 499 -31.99 -10.28 1.49
CA ARG A 499 -32.78 -9.35 2.29
C ARG A 499 -32.05 -8.03 2.47
N TYR A 500 -30.74 -8.12 2.73
CA TYR A 500 -29.88 -6.95 2.86
C TYR A 500 -29.92 -6.07 1.61
N TYR A 501 -29.61 -6.67 0.46
CA TYR A 501 -29.60 -5.96 -0.82
C TYR A 501 -30.92 -5.25 -1.09
N LYS A 502 -32.03 -5.93 -0.76
CA LYS A 502 -33.35 -5.38 -0.94
C LYS A 502 -33.58 -4.20 -0.03
N GLN A 503 -33.28 -4.37 1.26
CA GLN A 503 -33.39 -3.30 2.25
C GLN A 503 -32.70 -2.02 1.80
N ILE A 504 -31.55 -2.17 1.18
CA ILE A 504 -30.81 -1.03 0.63
C ILE A 504 -31.56 -0.42 -0.57
N GLN A 505 -32.11 -1.28 -1.41
CA GLN A 505 -32.84 -0.80 -2.58
C GLN A 505 -34.11 -0.08 -2.17
N ASP A 506 -34.54 -0.31 -0.93
CA ASP A 506 -35.80 0.25 -0.44
C ASP A 506 -35.62 1.60 0.27
N MET A 507 -34.48 1.79 0.93
CA MET A 507 -34.25 3.05 1.65
C MET A 507 -34.15 4.22 0.69
N THR A 508 -34.70 5.36 1.09
CA THR A 508 -34.81 6.53 0.19
C THR A 508 -33.45 6.95 -0.35
N PRO A 509 -33.39 7.19 -1.66
CA PRO A 509 -32.16 7.49 -2.39
C PRO A 509 -31.53 8.79 -1.93
N LEU A 510 -30.21 8.89 -1.99
CA LEU A 510 -29.62 10.13 -1.56
C LEU A 510 -29.01 10.87 -2.74
N SER A 511 -29.26 12.17 -2.76
CA SER A 511 -28.79 13.08 -3.80
C SER A 511 -27.28 13.19 -3.84
N GLU A 512 -26.74 13.60 -4.99
CA GLU A 512 -25.31 13.85 -5.15
C GLU A 512 -24.81 14.76 -4.04
N GLN A 513 -25.62 15.77 -3.78
CA GLN A 513 -25.36 16.76 -2.75
C GLN A 513 -25.08 16.15 -1.37
N GLU A 514 -25.93 15.21 -0.96
CA GLU A 514 -25.82 14.59 0.35
C GLU A 514 -24.58 13.71 0.43
N MET A 515 -24.33 12.96 -0.63
CA MET A 515 -23.18 12.07 -0.69
C MET A 515 -21.90 12.87 -0.61
N ASN A 516 -21.79 13.87 -1.48
CA ASN A 516 -20.65 14.78 -1.48
C ASN A 516 -20.40 15.51 -0.16
N ALA A 517 -21.46 15.72 0.63
CA ALA A 517 -21.32 16.36 1.93
C ALA A 517 -20.73 15.36 2.90
N HIS A 518 -21.12 14.11 2.72
CA HIS A 518 -20.64 13.02 3.56
C HIS A 518 -19.18 12.71 3.24
N LEU A 519 -18.84 12.67 1.97
CA LEU A 519 -17.48 12.46 1.52
C LEU A 519 -16.57 13.60 1.99
N ALA A 520 -17.06 14.83 1.88
CA ALA A 520 -16.28 16.00 2.23
C ALA A 520 -15.90 15.96 3.70
N GLU A 521 -16.74 15.29 4.48
CA GLU A 521 -16.57 15.16 5.91
C GLU A 521 -15.49 14.14 6.24
N GLU A 522 -15.46 13.05 5.47
CA GLU A 522 -14.39 12.07 5.62
C GLU A 522 -13.05 12.72 5.29
N SER A 523 -12.99 13.42 4.17
CA SER A 523 -11.81 14.19 3.78
C SER A 523 -11.35 15.09 4.91
N ARG A 524 -12.28 15.88 5.44
CA ARG A 524 -11.98 16.88 6.44
C ARG A 524 -11.58 16.26 7.78
N LYS A 525 -12.20 15.13 8.13
CA LYS A 525 -11.90 14.48 9.40
C LYS A 525 -10.45 14.04 9.44
N TYR A 526 -10.04 13.30 8.41
CA TYR A 526 -8.68 12.77 8.35
C TYR A 526 -7.81 13.62 7.45
N GLN A 527 -7.69 14.90 7.79
CA GLN A 527 -6.89 15.85 7.01
C GLN A 527 -5.40 15.53 7.05
N ASN A 528 -4.83 15.75 8.22
CA ASN A 528 -3.38 15.63 8.42
C ASN A 528 -2.98 14.24 8.86
N GLU A 529 -3.40 13.23 8.11
CA GLU A 529 -3.03 11.86 8.43
C GLU A 529 -1.97 11.38 7.47
N PHE A 530 -2.19 11.61 6.18
CA PHE A 530 -1.31 11.07 5.14
C PHE A 530 -0.44 12.15 4.50
N ASN A 531 0.81 11.79 4.19
CA ASN A 531 1.70 12.72 3.50
C ASN A 531 1.43 12.71 2.01
N THR A 532 0.54 13.59 1.56
CA THR A 532 0.13 13.60 0.16
C THR A 532 1.29 13.92 -0.78
N ASN A 533 2.21 14.79 -0.36
CA ASN A 533 3.40 15.09 -1.16
C ASN A 533 4.16 13.84 -1.58
N VAL A 534 4.44 12.97 -0.61
CA VAL A 534 5.10 11.69 -0.87
C VAL A 534 4.29 10.84 -1.84
N ALA A 535 2.97 10.84 -1.66
CA ALA A 535 2.07 10.10 -2.53
C ALA A 535 2.15 10.61 -3.97
N MET A 536 2.12 11.93 -4.14
CA MET A 536 2.24 12.55 -5.46
C MET A 536 3.60 12.24 -6.08
N ALA A 537 4.64 12.32 -5.25
CA ALA A 537 6.00 12.08 -5.69
C ALA A 537 6.15 10.68 -6.28
N GLU A 538 5.49 9.72 -5.67
CA GLU A 538 5.49 8.35 -6.17
C GLU A 538 4.71 8.26 -7.47
N ILE A 539 3.59 8.96 -7.55
CA ILE A 539 2.79 8.98 -8.76
C ILE A 539 3.58 9.59 -9.92
N TYR A 540 4.38 10.61 -9.62
CA TYR A 540 5.18 11.29 -10.64
C TYR A 540 6.22 10.35 -11.27
N LYS A 541 6.65 9.34 -10.53
CA LYS A 541 7.62 8.39 -11.05
C LYS A 541 7.02 7.65 -12.25
N TYR A 542 5.79 7.16 -12.09
CA TYR A 542 5.05 6.60 -13.21
C TYR A 542 4.85 7.63 -14.31
N ALA A 543 4.60 8.88 -13.91
CA ALA A 543 4.40 9.98 -14.85
C ALA A 543 5.67 10.25 -15.65
N LYS A 544 6.81 9.91 -15.08
CA LYS A 544 8.09 10.08 -15.76
C LYS A 544 8.33 8.93 -16.73
N ARG A 545 8.18 7.70 -16.24
CA ARG A 545 8.52 6.51 -17.02
C ARG A 545 7.75 6.44 -18.34
N TYR A 546 6.62 7.12 -18.42
CA TYR A 546 5.81 7.08 -19.63
C TYR A 546 5.53 8.49 -20.15
N ARG A 547 6.49 9.39 -19.92
CA ARG A 547 6.37 10.79 -20.31
C ARG A 547 5.99 11.02 -21.79
N PRO A 548 6.65 10.31 -22.74
CA PRO A 548 6.21 10.55 -24.13
C PRO A 548 4.82 9.97 -24.43
N GLN A 549 4.49 8.82 -23.83
CA GLN A 549 3.17 8.23 -23.97
C GLN A 549 2.08 9.14 -23.41
N ILE A 550 2.29 9.63 -22.18
CA ILE A 550 1.39 10.61 -21.57
C ILE A 550 1.24 11.80 -22.50
N MET A 551 2.36 12.29 -23.02
CA MET A 551 2.37 13.44 -23.91
C MET A 551 1.60 13.14 -25.21
N ALA A 552 1.80 11.94 -25.74
CA ALA A 552 1.10 11.48 -26.94
C ALA A 552 -0.41 11.43 -26.70
N ALA A 553 -0.79 10.99 -25.51
CA ALA A 553 -2.18 10.84 -25.13
C ALA A 553 -2.86 12.18 -24.86
N LEU A 554 -2.10 13.15 -24.37
CA LEU A 554 -2.62 14.50 -24.14
C LEU A 554 -2.79 15.24 -25.46
N GLU A 555 -1.89 14.95 -26.40
CA GLU A 555 -1.95 15.55 -27.72
C GLU A 555 -3.15 15.01 -28.49
N ALA A 556 -3.47 13.74 -28.25
CA ALA A 556 -4.61 13.11 -28.92
C ALA A 556 -5.94 13.69 -28.41
N ASN A 557 -6.04 13.93 -27.11
CA ASN A 557 -7.26 14.46 -26.53
C ASN A 557 -7.47 15.93 -26.91
N PRO A 558 -8.64 16.24 -27.49
CA PRO A 558 -9.00 17.59 -27.94
C PRO A 558 -9.02 18.62 -26.81
N THR A 559 -9.53 18.23 -25.65
CA THR A 559 -9.66 19.14 -24.50
C THR A 559 -8.32 19.41 -23.82
N ALA A 560 -7.42 18.42 -23.85
CA ALA A 560 -6.11 18.56 -23.24
C ALA A 560 -5.22 19.52 -24.03
N ARG A 561 -5.29 19.42 -25.35
CA ARG A 561 -4.53 20.32 -26.21
C ARG A 561 -5.08 21.74 -26.18
N ARG A 562 -6.40 21.84 -26.14
CA ARG A 562 -7.06 23.14 -26.10
C ARG A 562 -6.69 23.93 -24.83
N THR A 563 -6.38 23.23 -23.75
CA THR A 563 -6.01 23.87 -22.50
C THR A 563 -4.51 23.88 -22.23
N GLN A 564 -3.73 23.43 -23.21
CA GLN A 564 -2.27 23.35 -23.09
C GLN A 564 -1.84 22.61 -21.82
N LEU A 565 -2.37 21.41 -21.64
CA LEU A 565 -2.00 20.56 -20.51
C LEU A 565 -0.62 19.95 -20.76
N GLN A 566 -0.25 19.87 -22.02
CA GLN A 566 1.06 19.37 -22.41
C GLN A 566 2.15 20.25 -21.81
N HIS A 567 1.94 21.56 -21.84
CA HIS A 567 2.91 22.48 -21.25
C HIS A 567 3.01 22.30 -19.73
N LYS A 568 1.87 22.38 -19.06
CA LYS A 568 1.83 22.30 -17.60
C LYS A 568 2.33 20.96 -17.09
N PHE A 569 2.27 19.93 -17.94
CA PHE A 569 2.85 18.65 -17.59
C PHE A 569 4.36 18.74 -17.59
N GLU A 570 4.92 19.19 -18.71
CA GLU A 570 6.36 19.27 -18.87
C GLU A 570 6.96 20.33 -17.95
N GLN A 571 6.15 21.32 -17.59
CA GLN A 571 6.57 22.32 -16.62
C GLN A 571 6.91 21.64 -15.30
N VAL A 572 6.13 20.62 -14.96
CA VAL A 572 6.37 19.81 -13.77
C VAL A 572 7.62 18.94 -13.93
N VAL A 573 7.74 18.28 -15.08
CA VAL A 573 8.88 17.42 -15.36
C VAL A 573 10.18 18.20 -15.30
N ALA A 574 10.17 19.42 -15.80
CA ALA A 574 11.34 20.28 -15.76
C ALA A 574 11.70 20.62 -14.32
N LEU A 575 10.70 20.86 -13.49
CA LEU A 575 10.93 21.24 -12.10
C LEU A 575 11.40 20.07 -11.26
N MET A 576 10.71 18.94 -11.37
CA MET A 576 11.07 17.75 -10.60
C MET A 576 12.48 17.27 -10.93
N GLU A 577 12.85 17.37 -12.21
CA GLU A 577 14.16 16.91 -12.66
C GLU A 577 15.22 18.02 -12.58
N ASN A 578 14.78 19.24 -12.27
CA ASN A 578 15.64 20.42 -12.29
C ASN A 578 16.41 20.51 -13.61
N ASN A 579 15.67 20.37 -14.71
CA ASN A 579 16.28 20.30 -16.02
C ASN A 579 15.26 20.51 -17.11
N ILE A 580 15.28 21.68 -17.72
CA ILE A 580 14.36 21.97 -18.81
C ILE A 580 14.64 21.07 -20.02
N TYR A 581 15.82 20.47 -20.04
CA TYR A 581 16.23 19.61 -21.15
C TYR A 581 15.84 18.16 -20.89
N GLU A 582 14.99 17.96 -19.90
CA GLU A 582 14.36 16.66 -19.68
C GLU A 582 13.03 16.68 -20.42
N CYS A 583 12.87 17.69 -21.26
CA CYS A 583 11.67 17.89 -22.06
C CYS A 583 12.04 18.01 -23.52
N TYR A 584 11.99 16.89 -24.23
CA TYR A 584 12.32 16.89 -25.65
C TYR A 584 11.18 16.28 -26.47
N SER A 585 11.27 16.45 -27.78
CA SER A 585 10.29 15.89 -28.71
C SER A 585 11.00 15.30 -29.92
N GLU A 586 10.49 14.20 -30.43
CA GLU A 586 11.04 13.58 -31.62
C GLU A 586 10.28 14.03 -32.85
N ALA A 587 10.90 13.92 -34.02
CA ALA A 587 10.24 14.27 -35.27
C ALA A 587 10.91 13.56 -36.43
N PRO B 9 31.32 36.58 -2.93
CA PRO B 9 31.11 35.12 -3.06
C PRO B 9 30.98 34.40 -1.72
N ARG B 10 29.82 34.49 -1.08
CA ARG B 10 29.58 33.87 0.23
C ARG B 10 28.83 32.53 0.14
N LEU B 11 29.49 31.46 0.56
CA LEU B 11 28.87 30.13 0.58
C LEU B 11 28.22 29.85 1.93
N VAL B 12 27.06 29.20 1.92
CA VAL B 12 26.38 28.81 3.17
C VAL B 12 26.08 27.31 3.18
N PHE B 13 26.51 26.63 4.24
CA PHE B 13 26.32 25.19 4.35
C PHE B 13 25.40 24.80 5.49
N HIS B 14 24.61 23.75 5.27
CA HIS B 14 23.72 23.23 6.30
C HIS B 14 24.45 22.21 7.18
N THR B 15 24.10 22.19 8.46
CA THR B 15 24.88 21.45 9.46
C THR B 15 24.05 20.80 10.55
N GLN B 16 24.34 19.53 10.85
CA GLN B 16 23.79 18.88 12.04
C GLN B 16 24.87 18.12 12.79
N LEU B 17 24.62 17.84 14.05
CA LEU B 17 25.45 16.91 14.79
C LEU B 17 25.02 15.50 14.40
N ALA B 18 25.98 14.60 14.22
CA ALA B 18 25.71 13.28 13.68
C ALA B 18 24.76 12.47 14.57
N HIS B 19 24.71 12.81 15.85
CA HIS B 19 23.87 12.08 16.79
C HIS B 19 22.50 12.73 16.98
N GLY B 20 22.25 13.81 16.24
CA GLY B 20 20.97 14.48 16.31
C GLY B 20 21.04 15.89 16.87
N SER B 21 20.57 16.85 16.08
CA SER B 21 20.55 18.25 16.48
C SER B 21 19.69 19.02 15.49
N PRO B 22 19.29 20.25 15.84
CA PRO B 22 18.67 21.12 14.84
C PRO B 22 19.66 21.46 13.72
N THR B 23 19.20 22.12 12.66
CA THR B 23 20.11 22.46 11.58
C THR B 23 20.74 23.83 11.81
N GLY B 24 22.07 23.85 11.89
CA GLY B 24 22.81 25.10 11.98
C GLY B 24 23.33 25.51 10.62
N ARG B 25 23.68 26.78 10.47
CA ARG B 25 24.23 27.28 9.22
C ARG B 25 25.70 27.62 9.39
N ILE B 26 26.50 27.31 8.36
CA ILE B 26 27.93 27.54 8.41
C ILE B 26 28.41 28.26 7.16
N GLU B 27 29.24 29.28 7.35
CA GLU B 27 29.81 30.03 6.25
C GLU B 27 31.01 29.27 5.67
N GLY B 28 31.34 29.54 4.41
CA GLY B 28 32.42 28.87 3.71
C GLY B 28 33.73 28.77 4.48
N PHE B 29 34.44 27.67 4.30
CA PHE B 29 35.66 27.40 5.08
C PHE B 29 36.86 27.09 4.18
N THR B 30 38.04 27.51 4.62
CA THR B 30 39.26 27.34 3.82
C THR B 30 39.94 25.99 4.06
N ASN B 31 40.18 25.67 5.34
CA ASN B 31 40.74 24.38 5.71
C ASN B 31 39.81 23.63 6.65
N VAL B 32 40.20 22.42 7.05
CA VAL B 32 39.33 21.55 7.82
C VAL B 32 39.25 21.95 9.30
N LYS B 33 40.32 22.56 9.82
CA LYS B 33 40.34 22.96 11.22
C LYS B 33 39.36 24.11 11.46
N GLU B 34 39.29 25.02 10.49
CA GLU B 34 38.37 26.15 10.57
C GLU B 34 36.93 25.70 10.56
N LEU B 35 36.66 24.65 9.78
CA LEU B 35 35.32 24.06 9.72
C LEU B 35 34.83 23.61 11.09
N TYR B 36 35.62 22.79 11.77
CA TYR B 36 35.27 22.30 13.10
C TYR B 36 34.99 23.46 14.06
N GLY B 37 35.84 24.48 14.00
CA GLY B 37 35.67 25.65 14.85
C GLY B 37 34.34 26.33 14.60
N LYS B 38 33.98 26.45 13.33
CA LYS B 38 32.72 27.06 12.93
C LYS B 38 31.51 26.20 13.33
N ILE B 39 31.62 24.89 13.15
CA ILE B 39 30.57 23.96 13.56
C ILE B 39 30.34 24.05 15.07
N ALA B 40 31.43 24.01 15.82
CA ALA B 40 31.36 24.05 17.28
C ALA B 40 30.79 25.38 17.75
N GLU B 41 31.16 26.45 17.07
CA GLU B 41 30.62 27.79 17.34
C GLU B 41 29.09 27.80 17.21
N ALA B 42 28.59 27.22 16.13
CA ALA B 42 27.16 27.24 15.81
C ALA B 42 26.33 26.36 16.73
N PHE B 43 26.99 25.46 17.46
CA PHE B 43 26.29 24.55 18.38
C PHE B 43 26.78 24.74 19.82
N ARG B 44 27.56 25.80 20.03
CA ARG B 44 28.05 26.16 21.35
C ARG B 44 28.78 25.01 22.06
N LEU B 45 29.84 24.52 21.40
CA LEU B 45 30.69 23.45 21.90
C LEU B 45 32.16 23.85 21.83
N PRO B 46 32.98 23.33 22.75
CA PRO B 46 34.43 23.50 22.58
C PRO B 46 34.90 22.80 21.31
N ALA B 47 35.67 23.50 20.48
CA ALA B 47 36.00 23.00 19.15
C ALA B 47 36.78 21.68 19.18
N ALA B 48 37.35 21.37 20.34
CA ALA B 48 38.11 20.12 20.50
C ALA B 48 37.19 18.91 20.68
N GLU B 49 35.89 19.14 20.65
CA GLU B 49 34.92 18.07 20.79
C GLU B 49 34.60 17.41 19.44
N VAL B 50 34.81 18.13 18.35
CA VAL B 50 34.56 17.57 17.03
C VAL B 50 35.64 16.55 16.65
N MET B 51 35.20 15.38 16.18
CA MET B 51 36.11 14.34 15.73
C MET B 51 36.33 14.41 14.23
N PHE B 52 35.26 14.21 13.46
CA PHE B 52 35.31 14.33 12.01
C PHE B 52 33.96 14.68 11.43
N CYS B 53 33.94 15.04 10.15
CA CYS B 53 32.70 15.41 9.46
C CYS B 53 32.40 14.50 8.27
N THR B 54 31.12 14.20 8.07
CA THR B 54 30.71 13.41 6.91
C THR B 54 29.76 14.21 6.00
N LEU B 55 29.59 13.75 4.76
CA LEU B 55 28.74 14.45 3.80
C LEU B 55 27.49 13.66 3.41
N ASN B 56 26.33 14.26 3.65
CA ASN B 56 25.04 13.72 3.21
C ASN B 56 24.72 12.38 3.85
N THR B 57 25.31 12.13 5.01
CA THR B 57 24.94 10.97 5.82
C THR B 57 25.33 11.20 7.28
N HIS B 58 24.45 10.82 8.19
CA HIS B 58 24.73 10.95 9.62
C HIS B 58 25.51 9.74 10.09
N LYS B 59 25.52 8.69 9.27
CA LYS B 59 26.18 7.44 9.64
C LYS B 59 27.69 7.61 9.65
N VAL B 60 28.39 6.77 10.40
CA VAL B 60 29.83 6.81 10.45
C VAL B 60 30.43 6.12 9.22
N ASP B 61 30.32 6.79 8.08
CA ASP B 61 30.79 6.27 6.80
C ASP B 61 32.09 6.96 6.39
N MET B 62 33.19 6.23 6.39
CA MET B 62 34.49 6.83 6.10
C MET B 62 34.70 7.08 4.62
N ASP B 63 33.76 6.66 3.79
CA ASP B 63 33.82 6.95 2.36
C ASP B 63 33.18 8.31 2.11
N LYS B 64 32.44 8.79 3.10
CA LYS B 64 31.80 10.09 3.03
C LYS B 64 32.47 11.11 3.93
N LEU B 65 33.73 10.87 4.28
CA LEU B 65 34.49 11.81 5.10
C LEU B 65 34.75 13.12 4.35
N LEU B 66 34.66 14.23 5.06
CA LEU B 66 34.88 15.55 4.46
C LEU B 66 36.22 16.13 4.90
N GLY B 67 37.20 16.11 3.99
CA GLY B 67 38.54 16.53 4.33
C GLY B 67 39.15 17.56 3.40
N GLY B 68 38.29 18.31 2.72
CA GLY B 68 38.75 19.37 1.83
C GLY B 68 37.73 20.48 1.63
N GLN B 69 38.08 21.47 0.82
CA GLN B 69 37.17 22.56 0.48
C GLN B 69 35.95 22.07 -0.29
N ILE B 70 34.82 22.73 -0.08
CA ILE B 70 33.65 22.56 -0.93
C ILE B 70 33.34 23.92 -1.57
N GLY B 71 32.87 23.89 -2.81
CA GLY B 71 32.60 25.12 -3.53
C GLY B 71 32.10 24.88 -4.95
N LEU B 72 31.79 25.97 -5.64
CA LEU B 72 31.28 25.87 -7.00
C LEU B 72 32.37 25.40 -7.95
N GLU B 73 32.23 24.16 -8.41
CA GLU B 73 33.18 23.54 -9.31
C GLU B 73 32.72 23.66 -10.76
N ASP B 74 31.95 24.70 -11.05
CA ASP B 74 31.24 24.78 -12.31
C ASP B 74 31.60 26.02 -13.12
N PHE B 75 32.03 25.77 -14.35
CA PHE B 75 32.35 26.83 -15.30
C PHE B 75 31.26 26.85 -16.37
N ILE B 76 30.60 28.00 -16.52
CA ILE B 76 29.44 28.10 -17.41
C ILE B 76 29.79 28.75 -18.74
N PHE B 77 29.70 27.96 -19.81
CA PHE B 77 29.92 28.47 -21.16
C PHE B 77 28.59 28.78 -21.85
N ALA B 78 28.46 30.02 -22.33
CA ALA B 78 27.25 30.45 -23.02
C ALA B 78 27.45 30.43 -24.53
N HIS B 79 26.47 29.94 -25.26
CA HIS B 79 26.55 29.88 -26.71
C HIS B 79 25.70 30.96 -27.37
N VAL B 80 26.36 31.89 -28.07
CA VAL B 80 25.67 32.99 -28.73
C VAL B 80 25.19 32.59 -30.13
N LYS B 81 24.21 33.32 -30.66
CA LYS B 81 23.79 33.10 -32.04
C LYS B 81 24.94 33.41 -32.99
N GLY B 82 25.10 32.58 -34.01
CA GLY B 82 26.14 32.76 -34.99
C GLY B 82 25.57 32.74 -36.40
N GLN B 83 26.09 31.86 -37.24
CA GLN B 83 25.74 31.84 -38.66
C GLN B 83 24.27 31.48 -38.92
N ARG B 84 23.62 32.26 -39.79
CA ARG B 84 22.27 31.91 -40.27
C ARG B 84 22.38 31.01 -41.49
N LYS B 85 21.55 29.97 -41.52
CA LYS B 85 21.54 29.02 -42.63
C LYS B 85 20.14 28.82 -43.14
N GLU B 86 20.03 28.40 -44.39
CA GLU B 86 18.75 28.00 -44.95
C GLU B 86 18.96 26.75 -45.79
N VAL B 87 18.44 25.62 -45.31
CA VAL B 87 18.64 24.34 -46.00
C VAL B 87 17.33 23.73 -46.49
N GLU B 88 17.42 22.98 -47.58
CA GLU B 88 16.29 22.20 -48.09
C GLU B 88 16.39 20.77 -47.58
N VAL B 89 15.23 20.20 -47.23
CA VAL B 89 15.18 18.81 -46.78
C VAL B 89 14.08 18.07 -47.51
N PHE B 90 14.43 16.96 -48.17
CA PHE B 90 13.45 16.11 -48.81
C PHE B 90 13.00 15.04 -47.82
N LYS B 91 11.75 15.12 -47.38
CA LYS B 91 11.23 14.16 -46.40
C LYS B 91 10.91 12.83 -47.06
N SER B 92 11.91 11.95 -47.14
CA SER B 92 11.74 10.66 -47.82
C SER B 92 11.19 9.58 -46.88
N GLU B 93 11.48 9.69 -45.59
CA GLU B 93 10.96 8.75 -44.61
C GLU B 93 9.93 9.42 -43.71
N GLU B 94 9.28 8.64 -42.85
CA GLU B 94 8.33 9.20 -41.89
C GLU B 94 9.03 9.97 -40.79
N ALA B 95 10.22 9.50 -40.41
CA ALA B 95 10.99 10.13 -39.33
C ALA B 95 12.17 10.94 -39.85
N LEU B 96 12.20 12.23 -39.52
CA LEU B 96 13.32 13.09 -39.87
C LEU B 96 14.55 12.71 -39.06
N GLY B 97 14.32 12.26 -37.83
CA GLY B 97 15.38 11.72 -37.01
C GLY B 97 16.04 12.73 -36.09
N LEU B 98 15.35 13.83 -35.82
CA LEU B 98 15.90 14.80 -34.91
C LEU B 98 15.05 14.93 -33.64
N THR B 99 15.68 15.49 -32.60
CA THR B 99 15.05 15.70 -31.31
C THR B 99 15.09 17.18 -30.97
N ILE B 100 13.98 17.71 -30.47
CA ILE B 100 13.88 19.16 -30.24
C ILE B 100 13.48 19.55 -28.82
N THR B 101 14.32 20.34 -28.17
CA THR B 101 13.99 20.93 -26.88
C THR B 101 14.03 22.45 -27.04
N ASP B 102 13.87 23.18 -25.94
CA ASP B 102 14.08 24.62 -25.99
C ASP B 102 14.77 25.12 -24.71
N ASN B 103 15.39 26.30 -24.83
CA ASN B 103 16.23 26.84 -23.78
C ASN B 103 15.46 27.53 -22.65
N GLY B 104 14.13 27.46 -22.70
CA GLY B 104 13.31 28.11 -21.70
C GLY B 104 13.42 29.61 -21.82
N ALA B 105 13.44 30.09 -23.05
CA ALA B 105 13.49 31.52 -23.32
C ALA B 105 13.03 31.79 -24.76
N GLY B 106 12.21 30.88 -25.29
CA GLY B 106 11.56 31.10 -26.56
C GLY B 106 12.21 30.46 -27.77
N TYR B 107 13.48 30.07 -27.63
CA TYR B 107 14.19 29.44 -28.73
C TYR B 107 14.15 27.94 -28.61
N ALA B 108 13.72 27.24 -29.65
CA ALA B 108 13.79 25.78 -29.64
C ALA B 108 14.85 25.31 -30.61
N PHE B 109 15.69 24.37 -30.16
CA PHE B 109 16.81 23.90 -30.99
C PHE B 109 16.93 22.39 -31.04
N ILE B 110 17.90 21.92 -31.82
CA ILE B 110 18.13 20.51 -32.03
C ILE B 110 19.02 19.96 -30.92
N LYS B 111 18.50 19.01 -30.14
CA LYS B 111 19.27 18.40 -29.06
C LYS B 111 19.96 17.13 -29.56
N ARG B 112 19.32 16.44 -30.49
CA ARG B 112 19.85 15.19 -31.02
C ARG B 112 19.54 15.02 -32.50
N ILE B 113 20.45 14.34 -33.20
CA ILE B 113 20.18 13.89 -34.56
C ILE B 113 20.50 12.40 -34.69
N LYS B 114 19.45 11.59 -34.80
CA LYS B 114 19.60 10.13 -34.86
C LYS B 114 20.45 9.69 -36.04
N GLU B 115 21.44 8.85 -35.77
CA GLU B 115 22.37 8.38 -36.80
C GLU B 115 21.66 7.59 -37.89
N GLY B 116 21.97 7.92 -39.14
CA GLY B 116 21.41 7.21 -40.28
C GLY B 116 20.12 7.82 -40.77
N SER B 117 19.63 8.82 -40.03
CA SER B 117 18.35 9.45 -40.37
C SER B 117 18.47 10.39 -41.58
N VAL B 118 17.33 10.95 -41.97
CA VAL B 118 17.23 11.89 -43.07
C VAL B 118 18.06 13.16 -42.78
N ILE B 119 17.94 13.66 -41.56
CA ILE B 119 18.67 14.85 -41.15
C ILE B 119 20.16 14.56 -40.94
N ASP B 120 20.47 13.35 -40.47
CA ASP B 120 21.85 12.94 -40.27
C ASP B 120 22.63 12.94 -41.60
N HIS B 121 21.92 12.87 -42.71
CA HIS B 121 22.53 12.86 -44.03
C HIS B 121 22.94 14.24 -44.52
N ILE B 122 22.28 15.26 -43.97
CA ILE B 122 22.49 16.65 -44.39
C ILE B 122 23.66 17.30 -43.67
N GLN B 123 24.71 17.60 -44.42
CA GLN B 123 25.93 18.18 -43.85
C GLN B 123 25.68 19.47 -43.11
N LEU B 124 24.78 20.30 -43.63
CA LEU B 124 24.63 21.64 -43.08
C LEU B 124 23.63 21.76 -41.93
N ILE B 125 23.20 20.63 -41.39
CA ILE B 125 22.42 20.66 -40.16
C ILE B 125 23.17 19.94 -39.06
N SER B 126 23.57 20.69 -38.02
CA SER B 126 24.29 20.10 -36.92
C SER B 126 23.50 20.27 -35.63
N VAL B 127 23.97 19.63 -34.57
CA VAL B 127 23.28 19.70 -33.28
C VAL B 127 23.47 21.10 -32.67
N GLY B 128 22.52 21.52 -31.85
CA GLY B 128 22.56 22.84 -31.25
C GLY B 128 22.13 23.92 -32.21
N ASP B 129 21.59 23.52 -33.37
CA ASP B 129 21.08 24.49 -34.33
C ASP B 129 19.67 24.92 -33.96
N MET B 130 19.47 26.21 -33.83
CA MET B 130 18.15 26.78 -33.57
C MET B 130 17.30 26.72 -34.84
N ILE B 131 16.04 26.33 -34.72
CA ILE B 131 15.14 26.33 -35.88
C ILE B 131 14.23 27.56 -35.81
N GLU B 132 14.34 28.43 -36.81
CA GLU B 132 13.61 29.69 -36.80
C GLU B 132 12.36 29.68 -37.67
N ALA B 133 12.35 28.87 -38.73
CA ALA B 133 11.20 28.83 -39.62
C ALA B 133 11.06 27.51 -40.36
N ILE B 134 9.82 27.19 -40.77
CA ILE B 134 9.55 26.03 -41.61
C ILE B 134 8.74 26.45 -42.83
N ASN B 135 9.40 26.49 -44.00
CA ASN B 135 8.83 27.06 -45.22
C ASN B 135 8.52 28.54 -45.03
N GLY B 136 9.44 29.26 -44.40
CA GLY B 136 9.28 30.69 -44.20
C GLY B 136 8.27 31.06 -43.13
N GLN B 137 7.63 30.04 -42.56
CA GLN B 137 6.68 30.23 -41.46
C GLN B 137 7.43 30.27 -40.14
N SER B 138 7.44 31.42 -39.46
CA SER B 138 8.23 31.55 -38.25
C SER B 138 7.73 30.65 -37.13
N LEU B 139 8.63 30.30 -36.23
CA LEU B 139 8.32 29.39 -35.13
C LEU B 139 8.35 30.11 -33.78
N LEU B 140 8.26 31.43 -33.81
CA LEU B 140 8.19 32.21 -32.58
C LEU B 140 6.90 31.89 -31.86
N GLY B 141 7.01 31.63 -30.56
CA GLY B 141 5.87 31.27 -29.75
C GLY B 141 5.61 29.78 -29.71
N CYS B 142 6.33 29.03 -30.56
CA CYS B 142 6.13 27.59 -30.67
C CYS B 142 7.00 26.78 -29.72
N ARG B 143 6.33 26.10 -28.79
CA ARG B 143 7.00 25.20 -27.87
C ARG B 143 7.66 24.07 -28.64
N HIS B 144 8.60 23.37 -27.99
CA HIS B 144 9.37 22.33 -28.65
C HIS B 144 8.49 21.19 -29.16
N TYR B 145 7.39 20.92 -28.46
CA TYR B 145 6.49 19.85 -28.87
C TYR B 145 5.56 20.30 -29.98
N GLU B 146 5.41 21.61 -30.15
CA GLU B 146 4.58 22.15 -31.22
C GLU B 146 5.40 22.24 -32.49
N VAL B 147 6.70 22.44 -32.35
CA VAL B 147 7.62 22.48 -33.49
C VAL B 147 7.75 21.08 -34.11
N ALA B 148 7.88 20.08 -33.23
CA ALA B 148 8.00 18.70 -33.68
C ALA B 148 6.71 18.23 -34.31
N ARG B 149 5.59 18.78 -33.85
CA ARG B 149 4.29 18.47 -34.43
C ARG B 149 4.22 18.95 -35.87
N LEU B 150 4.70 20.17 -36.10
CA LEU B 150 4.65 20.79 -37.43
C LEU B 150 5.48 20.00 -38.45
N LEU B 151 6.60 19.47 -37.98
CA LEU B 151 7.51 18.72 -38.83
C LEU B 151 6.90 17.40 -39.28
N LYS B 152 6.24 16.72 -38.35
CA LYS B 152 5.61 15.43 -38.65
C LYS B 152 4.42 15.60 -39.58
N GLU B 153 3.81 16.79 -39.55
CA GLU B 153 2.68 17.08 -40.41
C GLU B 153 3.10 17.23 -41.85
N LEU B 154 4.32 17.73 -42.06
CA LEU B 154 4.85 18.00 -43.40
C LEU B 154 4.70 16.80 -44.34
N PRO B 155 4.38 17.07 -45.62
CA PRO B 155 4.10 16.04 -46.63
C PRO B 155 5.30 15.13 -46.90
N ARG B 156 5.10 13.83 -46.80
CA ARG B 156 6.15 12.88 -47.08
C ARG B 156 6.30 12.65 -48.58
N GLY B 157 7.45 13.03 -49.13
CA GLY B 157 7.68 12.91 -50.56
C GLY B 157 7.92 14.28 -51.18
N ARG B 158 7.76 15.32 -50.38
CA ARG B 158 8.00 16.69 -50.80
C ARG B 158 9.22 17.27 -50.08
N THR B 159 9.63 18.46 -50.49
CA THR B 159 10.77 19.14 -49.89
C THR B 159 10.31 20.31 -49.04
N PHE B 160 10.84 20.43 -47.82
CA PHE B 160 10.57 21.63 -47.01
C PHE B 160 11.83 22.43 -46.76
N THR B 161 11.65 23.62 -46.18
CA THR B 161 12.76 24.54 -45.98
C THR B 161 12.89 25.01 -44.55
N LEU B 162 14.08 24.87 -43.99
CA LEU B 162 14.34 25.33 -42.63
C LEU B 162 15.21 26.57 -42.65
N LYS B 163 14.85 27.56 -41.85
CA LYS B 163 15.75 28.66 -41.53
C LYS B 163 16.41 28.30 -40.20
N LEU B 164 17.74 28.28 -40.18
CA LEU B 164 18.45 27.85 -38.99
C LEU B 164 19.44 28.89 -38.50
N THR B 165 19.96 28.68 -37.30
CA THR B 165 21.07 29.48 -36.80
C THR B 165 22.00 28.58 -35.99
N GLU B 166 23.25 28.52 -36.40
CA GLU B 166 24.27 27.83 -35.63
C GLU B 166 24.75 28.71 -34.51
N PRO B 167 25.10 28.11 -33.37
CA PRO B 167 25.82 28.90 -32.37
C PRO B 167 27.22 29.23 -32.88
N ARG B 168 27.72 30.41 -32.54
CA ARG B 168 29.05 30.82 -32.92
C ARG B 168 30.12 29.95 -32.25
N LYS B 169 31.22 29.69 -32.97
CA LYS B 169 32.31 28.83 -32.47
C LYS B 169 33.67 29.43 -32.78
S SO4 C . -28.28 17.73 -6.06
O1 SO4 C . -28.53 16.41 -6.64
O2 SO4 C . -26.84 17.92 -5.85
O3 SO4 C . -28.76 18.78 -6.96
O4 SO4 C . -28.98 17.86 -4.78
S SO4 D . -25.57 -16.45 -18.32
O1 SO4 D . -24.91 -17.56 -17.63
O2 SO4 D . -24.63 -15.34 -18.44
O3 SO4 D . -26.00 -16.88 -19.64
O4 SO4 D . -26.74 -16.02 -17.55
S SO4 E . 14.04 -21.89 24.36
O1 SO4 E . 14.40 -23.30 24.37
O2 SO4 E . 15.09 -21.10 24.99
O3 SO4 E . 13.85 -21.47 22.97
O4 SO4 E . 12.78 -21.71 25.08
S SO4 F . -2.36 -35.74 37.29
O1 SO4 F . -2.66 -37.08 37.78
O2 SO4 F . -1.44 -35.84 36.16
O3 SO4 F . -3.59 -35.09 36.85
O4 SO4 F . -1.75 -34.96 38.37
S SO4 G . -12.96 16.31 14.20
O1 SO4 G . -12.36 14.99 14.41
O2 SO4 G . -12.12 17.33 14.81
O3 SO4 G . -13.06 16.56 12.77
O4 SO4 G . -14.30 16.35 14.79
S SO4 H . 6.99 3.28 -44.93
O1 SO4 H . 7.52 1.92 -44.79
O2 SO4 H . 8.02 4.24 -44.56
O3 SO4 H . 6.59 3.50 -46.32
O4 SO4 H . 5.84 3.44 -44.05
S SO4 I . 9.46 18.65 -54.30
O1 SO4 I . 9.86 17.43 -53.58
O2 SO4 I . 10.65 19.45 -54.55
O3 SO4 I . 8.83 18.27 -55.57
O4 SO4 I . 8.51 19.40 -53.49
#